data_6KJI
#
_entry.id   6KJI
#
_cell.length_a   190.873
_cell.length_b   44.036
_cell.length_c   143.124
_cell.angle_alpha   90.00
_cell.angle_beta   93.24
_cell.angle_gamma   90.00
#
_symmetry.space_group_name_H-M   'C 1 2 1'
#
loop_
_entity.id
_entity.type
_entity.pdbx_description
1 polymer 'Dual-functional monooxygenase/methyltransferase psoF'
2 non-polymer S-ADENOSYL-L-HOMOCYSTEINE
3 non-polymer 'SULFATE ION'
4 water water
#
_entity_poly.entity_id   1
_entity_poly.type   'polypeptide(L)'
_entity_poly.pdbx_seq_one_letter_code
;MLDGAEASNGVSKQTVGGVHVTPEMLESVQIPLEADKVGMTPAEKSKLVNAATAVYIDMAVEEMRSRGLAPKADYRVHWW
KVMQDFVDSGEGQRVLQETSLTNQELERVIAKLGIEGEVIARMGPEIVNILTGKTHALAHIMRDDLLFRVYLSDEGRRAN
RYMAEYARLLTSQRRDIRILEIGAGTGGTTSEVLNLCSPNGESFCAEYMYTDLSPGFFNAAKTTLKKWESHLAFQVLNIE
DDPAGQGFKEHTYDLIIAANVIHATARLTNTLSNVHKLLKPGGVFGLVELTRLTPFYNLTFGSLSGWWAGVDEGRTESPL
QSPQQWNSLLKQTGFSGVDLAAYDLPGPERHSCLLLSTALSNSVTTNGHGHHHHHHHH
;
_entity_poly.pdbx_strand_id   A,B,C
#
loop_
_chem_comp.id
_chem_comp.type
_chem_comp.name
_chem_comp.formula
SO4 non-polymer 'SULFATE ION' 'O4 S -2'
#
# COMPACT_ATOMS: atom_id res chain seq x y z
N SER A 12 -35.53 7.35 -9.61
CA SER A 12 -34.80 6.10 -9.79
C SER A 12 -35.15 5.12 -8.67
N LYS A 13 -35.85 5.64 -7.67
CA LYS A 13 -36.26 4.88 -6.49
C LYS A 13 -35.06 4.46 -5.63
N GLN A 14 -33.89 5.03 -5.93
CA GLN A 14 -32.71 4.81 -5.11
C GLN A 14 -33.02 5.12 -3.66
N THR A 15 -32.64 4.23 -2.75
CA THR A 15 -32.82 4.52 -1.34
C THR A 15 -31.52 4.44 -0.55
N VAL A 16 -31.45 5.29 0.48
CA VAL A 16 -30.37 5.25 1.43
C VAL A 16 -30.97 5.39 2.82
N GLY A 17 -30.68 4.42 3.67
CA GLY A 17 -31.23 4.41 5.01
C GLY A 17 -32.73 4.26 4.95
N GLY A 18 -33.21 3.70 3.84
CA GLY A 18 -34.62 3.41 3.68
C GLY A 18 -35.47 4.56 3.16
N VAL A 19 -34.83 5.65 2.75
CA VAL A 19 -35.60 6.74 2.16
C VAL A 19 -35.04 7.04 0.78
N HIS A 20 -35.92 7.48 -0.11
CA HIS A 20 -35.53 7.77 -1.48
C HIS A 20 -34.74 9.07 -1.54
N VAL A 21 -33.55 9.00 -2.15
CA VAL A 21 -32.70 10.17 -2.31
C VAL A 21 -31.76 9.92 -3.47
N THR A 22 -31.44 10.96 -4.23
CA THR A 22 -30.52 10.85 -5.36
C THR A 22 -29.53 12.01 -5.32
N PRO A 23 -28.39 11.86 -6.00
CA PRO A 23 -27.43 12.97 -6.08
C PRO A 23 -28.08 14.23 -6.62
N GLU A 24 -28.86 14.09 -7.70
CA GLU A 24 -29.52 15.22 -8.35
C GLU A 24 -30.51 15.90 -7.42
N MET A 25 -31.22 15.10 -6.63
CA MET A 25 -32.16 15.66 -5.69
C MET A 25 -31.51 16.65 -4.73
N LEU A 26 -30.29 16.32 -4.29
CA LEU A 26 -29.59 17.18 -3.34
C LEU A 26 -28.84 18.30 -4.06
N GLU A 27 -28.10 17.92 -5.10
CA GLU A 27 -27.24 18.85 -5.84
C GLU A 27 -27.99 19.97 -6.55
N SER A 28 -29.25 19.74 -6.91
CA SER A 28 -30.01 20.75 -7.66
C SER A 28 -30.53 21.86 -6.77
N VAL A 29 -30.49 21.65 -5.46
CA VAL A 29 -30.94 22.66 -4.54
C VAL A 29 -30.10 23.90 -4.74
N GLN A 30 -30.74 25.05 -4.88
CA GLN A 30 -29.98 26.29 -4.92
C GLN A 30 -30.31 27.01 -3.62
N ILE A 31 -29.28 27.54 -2.97
CA ILE A 31 -29.44 28.17 -1.68
C ILE A 31 -28.71 29.48 -1.66
N PRO A 32 -29.11 30.37 -0.74
CA PRO A 32 -28.42 31.65 -0.67
C PRO A 32 -26.93 31.48 -0.43
N LEU A 33 -26.14 32.03 -1.35
CA LEU A 33 -24.69 32.03 -1.30
C LEU A 33 -24.20 33.41 -1.71
N GLU A 34 -23.16 33.88 -1.05
CA GLU A 34 -22.63 35.21 -1.31
C GLU A 34 -22.16 35.35 -2.76
N ALA A 35 -21.62 34.28 -3.33
CA ALA A 35 -21.18 34.31 -4.74
C ALA A 35 -22.32 34.61 -5.72
N ASP A 36 -23.50 34.05 -5.49
CA ASP A 36 -24.67 34.41 -6.31
C ASP A 36 -24.99 35.88 -6.08
N LYS A 37 -25.07 36.27 -4.81
CA LYS A 37 -25.40 37.64 -4.41
C LYS A 37 -24.32 38.69 -4.67
N VAL A 38 -23.06 38.28 -4.81
CA VAL A 38 -22.02 39.31 -4.92
C VAL A 38 -21.99 40.07 -6.25
N GLY A 39 -22.40 39.49 -7.38
CA GLY A 39 -22.62 38.06 -7.53
C GLY A 39 -22.08 37.49 -8.84
N MET A 40 -21.21 36.49 -8.74
CA MET A 40 -20.64 35.76 -9.89
C MET A 40 -20.88 34.26 -9.79
N THR A 41 -20.55 33.53 -10.85
CA THR A 41 -20.70 32.08 -10.83
C THR A 41 -19.63 31.43 -9.95
N PRO A 42 -19.97 30.26 -9.39
CA PRO A 42 -19.08 29.52 -8.49
C PRO A 42 -17.74 29.22 -9.13
N ALA A 43 -17.77 28.70 -10.35
CA ALA A 43 -16.53 28.31 -11.04
C ALA A 43 -15.62 29.51 -11.27
N GLU A 44 -16.21 30.64 -11.66
CA GLU A 44 -15.44 31.85 -11.86
C GLU A 44 -14.87 32.36 -10.54
N LYS A 45 -15.70 32.41 -9.51
CA LYS A 45 -15.28 32.86 -8.19
C LYS A 45 -14.21 31.92 -7.62
N SER A 46 -14.41 30.62 -7.76
CA SER A 46 -13.46 29.62 -7.29
C SER A 46 -12.11 29.93 -7.90
N LYS A 47 -12.16 30.38 -9.15
CA LYS A 47 -10.97 30.81 -9.84
C LYS A 47 -10.36 32.01 -9.09
N LEU A 48 -11.23 32.92 -8.64
CA LEU A 48 -10.81 34.13 -7.91
C LEU A 48 -10.50 34.01 -6.40
N VAL A 49 -11.35 33.31 -5.64
CA VAL A 49 -11.11 33.11 -4.22
C VAL A 49 -9.76 32.43 -4.11
N ASN A 50 -9.57 31.44 -4.96
CA ASN A 50 -8.29 30.75 -5.08
C ASN A 50 -7.26 31.67 -5.75
N ALA A 51 -7.73 32.57 -6.61
CA ALA A 51 -6.85 33.49 -7.32
C ALA A 51 -6.10 34.43 -6.39
N ALA A 52 -6.82 35.00 -5.42
CA ALA A 52 -6.17 35.88 -4.47
C ALA A 52 -5.13 35.11 -3.67
N THR A 53 -5.45 33.86 -3.30
CA THR A 53 -4.52 33.05 -2.52
C THR A 53 -3.21 32.78 -3.24
N ALA A 54 -3.28 32.51 -4.53
CA ALA A 54 -2.08 32.17 -5.29
C ALA A 54 -1.05 33.29 -5.24
N VAL A 55 -1.53 34.52 -5.25
CA VAL A 55 -0.65 35.67 -5.14
C VAL A 55 0.14 35.64 -3.84
N TYR A 56 -0.58 35.44 -2.74
CA TYR A 56 0.04 35.43 -1.42
C TYR A 56 0.96 34.23 -1.23
N ILE A 57 0.58 33.08 -1.76
CA ILE A 57 1.45 31.91 -1.68
C ILE A 57 2.76 32.19 -2.41
N ASP A 58 2.64 32.71 -3.62
CA ASP A 58 3.82 33.03 -4.42
C ASP A 58 4.73 34.05 -3.72
N MET A 59 4.13 35.06 -3.12
CA MET A 59 4.90 36.07 -2.41
C MET A 59 5.64 35.44 -1.23
N ALA A 60 4.96 34.57 -0.50
CA ALA A 60 5.55 33.96 0.69
C ALA A 60 6.72 33.08 0.30
N VAL A 61 6.54 32.26 -0.73
CA VAL A 61 7.61 31.40 -1.17
C VAL A 61 8.81 32.21 -1.64
N GLU A 62 8.53 33.26 -2.41
CA GLU A 62 9.60 34.12 -2.90
C GLU A 62 10.32 34.78 -1.72
N GLU A 63 9.54 35.26 -0.76
CA GLU A 63 10.11 35.95 0.40
C GLU A 63 10.95 35.02 1.26
N MET A 64 10.45 33.82 1.54
CA MET A 64 11.21 32.85 2.30
C MET A 64 12.56 32.59 1.65
N ARG A 65 12.53 32.37 0.34
CA ARG A 65 13.76 32.02 -0.38
C ARG A 65 14.73 33.18 -0.46
N SER A 66 14.24 34.34 -0.83
CA SER A 66 15.11 35.51 -0.93
C SER A 66 15.75 35.86 0.42
N ARG A 67 15.03 35.65 1.51
CA ARG A 67 15.55 36.01 2.83
C ARG A 67 16.34 34.86 3.46
N GLY A 68 16.41 33.72 2.77
CA GLY A 68 17.14 32.57 3.26
C GLY A 68 16.54 31.98 4.52
N LEU A 69 15.22 32.03 4.61
CA LEU A 69 14.51 31.56 5.78
C LEU A 69 14.06 30.12 5.62
N ALA A 70 13.93 29.43 6.74
CA ALA A 70 13.36 28.10 6.77
C ALA A 70 12.28 28.10 7.84
N PRO A 71 11.25 27.28 7.66
CA PRO A 71 10.17 27.21 8.64
C PRO A 71 10.65 26.60 9.93
N LYS A 72 9.93 26.84 11.02
CA LYS A 72 10.14 26.07 12.24
C LYS A 72 10.02 24.58 11.87
N ALA A 73 10.85 23.77 12.50
CA ALA A 73 10.97 22.36 12.13
C ALA A 73 9.86 21.54 12.77
N ASP A 74 8.62 21.75 12.33
CA ASP A 74 7.50 20.92 12.74
C ASP A 74 6.57 20.73 11.55
N TYR A 75 5.29 20.46 11.80
CA TYR A 75 4.32 20.18 10.73
C TYR A 75 4.29 21.28 9.67
N ARG A 76 4.69 22.50 10.04
CA ARG A 76 4.65 23.63 9.13
C ARG A 76 5.52 23.47 7.91
N VAL A 77 6.56 22.65 8.04
CA VAL A 77 7.42 22.35 6.90
C VAL A 77 6.62 21.60 5.83
N HIS A 78 5.69 20.76 6.25
CA HIS A 78 4.80 20.12 5.28
C HIS A 78 3.99 21.15 4.50
N TRP A 79 3.51 22.15 5.23
CA TRP A 79 2.76 23.23 4.63
C TRP A 79 3.64 23.98 3.63
N TRP A 80 4.87 24.28 4.05
CA TRP A 80 5.86 24.93 3.22
C TRP A 80 6.11 24.12 1.92
N LYS A 81 6.25 22.82 2.07
CA LYS A 81 6.49 21.96 0.90
C LYS A 81 5.36 22.09 -0.12
N VAL A 82 4.13 22.10 0.38
CA VAL A 82 2.99 22.19 -0.52
C VAL A 82 3.00 23.53 -1.25
N MET A 83 3.33 24.60 -0.53
CA MET A 83 3.40 25.91 -1.16
C MET A 83 4.55 25.97 -2.16
N GLN A 84 5.69 25.38 -1.81
CA GLN A 84 6.82 25.33 -2.73
C GLN A 84 6.45 24.60 -4.00
N ASP A 85 5.84 23.43 -3.85
CA ASP A 85 5.43 22.64 -5.01
C ASP A 85 4.43 23.39 -5.87
N PHE A 86 3.52 24.11 -5.22
CA PHE A 86 2.52 24.87 -5.93
C PHE A 86 3.19 25.90 -6.85
N VAL A 87 4.31 26.45 -6.37
CA VAL A 87 5.05 27.44 -7.15
C VAL A 87 6.00 26.77 -8.13
N ASP A 88 6.82 25.86 -7.64
CA ASP A 88 7.84 25.22 -8.48
C ASP A 88 7.25 24.34 -9.59
N SER A 89 6.05 23.81 -9.38
CA SER A 89 5.44 22.92 -10.36
C SER A 89 4.98 23.70 -11.58
N GLY A 90 5.00 25.03 -11.46
CA GLY A 90 4.52 25.87 -12.52
C GLY A 90 3.03 26.10 -12.39
N GLU A 91 2.42 25.40 -11.44
CA GLU A 91 1.00 25.55 -11.16
C GLU A 91 0.69 26.98 -10.75
N GLY A 92 1.65 27.62 -10.09
CA GLY A 92 1.51 29.00 -9.67
C GLY A 92 1.30 29.95 -10.84
N GLN A 93 2.16 29.86 -11.85
CA GLN A 93 2.05 30.73 -13.00
C GLN A 93 0.71 30.53 -13.70
N ARG A 94 0.33 29.27 -13.90
CA ARG A 94 -0.93 28.97 -14.58
C ARG A 94 -2.09 29.68 -13.90
N VAL A 95 -2.09 29.71 -12.58
CA VAL A 95 -3.08 30.46 -11.84
C VAL A 95 -2.77 31.95 -11.87
N GLN A 97 -0.21 33.77 -14.19
CA GLN A 97 -0.03 34.10 -15.59
C GLN A 97 -1.37 34.22 -16.31
N GLU A 98 -2.20 33.19 -16.15
CA GLU A 98 -3.54 33.18 -16.74
C GLU A 98 -4.43 34.25 -16.12
N THR A 99 -4.38 34.38 -14.81
CA THR A 99 -5.09 35.47 -14.14
C THR A 99 -4.09 36.44 -13.50
N SER A 100 -3.94 37.59 -14.12
CA SER A 100 -3.03 38.62 -13.62
C SER A 100 -3.81 39.74 -12.94
N LEU A 101 -3.35 40.14 -11.76
CA LEU A 101 -4.00 41.21 -11.03
C LEU A 101 -2.99 42.23 -10.52
N THR A 102 -3.26 43.50 -10.78
CA THR A 102 -2.50 44.60 -10.21
C THR A 102 -2.86 44.60 -8.73
N ASN A 103 -2.00 45.14 -7.88
CA ASN A 103 -2.25 45.11 -6.45
C ASN A 103 -3.53 45.86 -6.11
N GLN A 104 -3.96 46.70 -7.03
CA GLN A 104 -5.26 47.38 -6.92
C GLN A 104 -6.40 46.39 -7.15
N GLU A 105 -6.29 45.59 -8.21
CA GLU A 105 -7.29 44.59 -8.56
C GLU A 105 -7.47 43.55 -7.46
N LEU A 106 -6.36 43.16 -6.84
CA LEU A 106 -6.37 42.12 -5.83
C LEU A 106 -7.20 42.46 -4.60
N GLU A 107 -6.95 43.64 -4.03
CA GLU A 107 -7.65 44.07 -2.82
C GLU A 107 -9.10 44.41 -3.09
N ARG A 108 -9.36 44.89 -4.30
CA ARG A 108 -10.70 45.30 -4.71
C ARG A 108 -11.64 44.09 -4.70
N VAL A 109 -11.11 42.96 -5.16
CA VAL A 109 -11.84 41.69 -5.14
C VAL A 109 -12.15 41.19 -3.73
N ILE A 110 -11.13 41.21 -2.87
CA ILE A 110 -11.19 40.61 -1.55
C ILE A 110 -12.31 41.20 -0.68
N ALA A 111 -12.55 42.50 -0.82
CA ALA A 111 -13.59 43.17 -0.07
C ALA A 111 -14.97 42.60 -0.41
N LYS A 112 -15.08 42.07 -1.63
CA LYS A 112 -16.34 41.49 -2.12
C LYS A 112 -16.55 40.01 -1.76
N LEU A 113 -15.51 39.34 -1.26
CA LEU A 113 -15.57 37.90 -1.05
C LEU A 113 -15.99 37.47 0.35
N GLY A 114 -16.56 38.40 1.13
CA GLY A 114 -17.12 38.06 2.42
C GLY A 114 -16.14 37.32 3.29
N ILE A 115 -16.57 36.16 3.80
CA ILE A 115 -15.74 35.35 4.67
C ILE A 115 -14.43 34.88 4.03
N GLU A 116 -14.52 34.35 2.81
CA GLU A 116 -13.35 33.79 2.12
C GLU A 116 -12.23 34.76 1.73
N GLY A 117 -12.58 35.86 1.09
CA GLY A 117 -11.60 36.86 0.71
C GLY A 117 -10.92 37.38 1.95
N GLU A 118 -11.73 37.49 2.99
CA GLU A 118 -11.32 37.94 4.30
C GLU A 118 -10.26 37.04 4.98
N VAL A 119 -10.40 35.73 4.85
CA VAL A 119 -9.39 34.85 5.44
C VAL A 119 -8.08 35.08 4.71
N ILE A 120 -8.16 35.24 3.38
CA ILE A 120 -6.99 35.51 2.56
C ILE A 120 -6.30 36.81 3.01
N ALA A 121 -7.10 37.84 3.27
CA ALA A 121 -6.58 39.14 3.68
C ALA A 121 -5.93 39.03 5.04
N ARG A 122 -6.47 38.12 5.86
CA ARG A 122 -5.97 37.87 7.19
C ARG A 122 -4.70 37.03 7.18
N MET A 123 -4.77 35.89 6.50
CA MET A 123 -3.74 34.87 6.57
C MET A 123 -2.64 35.02 5.53
N GLY A 124 -3.01 35.49 4.34
CA GLY A 124 -2.07 35.62 3.24
C GLY A 124 -0.80 36.36 3.61
N PRO A 125 -0.94 37.57 4.18
CA PRO A 125 0.25 38.33 4.55
C PRO A 125 1.00 37.77 5.77
N GLU A 126 0.43 36.76 6.44
CA GLU A 126 1.04 36.20 7.64
C GLU A 126 1.70 34.84 7.38
N ILE A 127 1.75 34.41 6.12
CA ILE A 127 2.32 33.11 5.82
C ILE A 127 3.76 33.01 6.33
N VAL A 128 4.61 33.97 5.98
CA VAL A 128 6.00 33.93 6.44
C VAL A 128 6.08 33.98 7.98
N ASN A 129 5.27 34.83 8.60
CA ASN A 129 5.24 34.89 10.06
C ASN A 129 4.84 33.58 10.70
N ILE A 130 3.86 32.91 10.11
CA ILE A 130 3.46 31.61 10.63
C ILE A 130 4.61 30.62 10.44
N LEU A 131 5.16 30.56 9.22
CA LEU A 131 6.24 29.61 8.94
C LEU A 131 7.40 29.77 9.92
N THR A 132 7.74 31.01 10.23
CA THR A 132 8.92 31.27 11.05
C THR A 132 8.56 31.43 12.53
N GLY A 133 7.29 31.21 12.86
CA GLY A 133 6.89 31.19 14.26
C GLY A 133 6.62 32.53 14.93
N LYS A 134 6.49 33.58 14.14
CA LYS A 134 6.19 34.90 14.69
C LYS A 134 4.69 35.11 14.90
N THR A 135 3.88 34.30 14.23
CA THR A 135 2.44 34.38 14.39
C THR A 135 1.90 33.00 14.74
N HIS A 136 1.02 32.94 15.74
CA HIS A 136 0.35 31.69 16.08
C HIS A 136 -0.84 31.52 15.17
N ALA A 137 -0.75 30.59 14.23
CA ALA A 137 -1.76 30.47 13.19
C ALA A 137 -3.18 30.27 13.75
N LEU A 138 -3.33 29.37 14.70
CA LEU A 138 -4.66 29.07 15.24
C LEU A 138 -5.26 30.29 15.92
N ALA A 139 -4.52 30.86 16.86
CA ALA A 139 -4.97 32.07 17.53
C ALA A 139 -5.26 33.16 16.51
N HIS A 140 -4.41 33.25 15.49
CA HIS A 140 -4.56 34.28 14.47
C HIS A 140 -5.85 34.11 13.67
N ILE A 141 -6.12 32.90 13.19
CA ILE A 141 -7.30 32.72 12.36
C ILE A 141 -8.59 32.69 13.19
N MET A 142 -8.47 32.40 14.49
CA MET A 142 -9.65 32.34 15.34
C MET A 142 -10.20 33.71 15.75
N ARG A 143 -9.36 34.74 15.70
CA ARG A 143 -9.78 36.06 16.14
C ARG A 143 -11.02 36.52 15.38
N ASP A 144 -11.97 37.10 16.09
CA ASP A 144 -13.24 37.51 15.49
C ASP A 144 -14.01 36.33 14.98
N ASP A 145 -13.74 35.14 15.53
CA ASP A 145 -14.42 33.92 15.14
C ASP A 145 -14.32 33.66 13.64
N LEU A 146 -13.25 34.15 13.03
CA LEU A 146 -13.08 34.01 11.59
C LEU A 146 -13.01 32.56 11.16
N LEU A 147 -12.27 31.73 11.91
CA LEU A 147 -12.20 30.31 11.59
C LEU A 147 -13.60 29.69 11.63
N PHE A 148 -14.36 30.00 12.67
CA PHE A 148 -15.69 29.46 12.81
C PHE A 148 -16.61 29.91 11.69
N ARG A 149 -16.39 31.13 11.18
CA ARG A 149 -17.24 31.63 10.12
C ARG A 149 -16.83 31.02 8.79
N VAL A 150 -15.60 30.55 8.72
CA VAL A 150 -15.10 29.87 7.54
C VAL A 150 -15.95 28.62 7.28
N TYR A 151 -16.38 27.99 8.37
CA TYR A 151 -17.20 26.79 8.27
C TYR A 151 -18.60 27.18 7.81
N LEU A 152 -19.01 28.39 8.19
CA LEU A 152 -20.32 28.96 7.83
C LEU A 152 -20.29 29.58 6.45
N SER A 153 -19.10 29.70 5.89
CA SER A 153 -18.91 30.38 4.62
C SER A 153 -19.51 29.59 3.47
N ASP A 154 -19.62 30.25 2.33
CA ASP A 154 -20.16 29.65 1.12
C ASP A 154 -19.40 28.41 0.71
N GLU A 155 -18.15 28.36 1.14
CA GLU A 155 -17.26 27.26 0.78
C GLU A 155 -17.83 25.90 1.19
N GLY A 156 -18.52 25.86 2.33
CA GLY A 156 -19.04 24.60 2.84
C GLY A 156 -20.53 24.54 3.07
N ARG A 157 -21.24 25.62 2.72
CA ARG A 157 -22.67 25.68 2.99
C ARG A 157 -23.46 24.65 2.18
N ARG A 158 -23.09 24.46 0.91
CA ARG A 158 -23.86 23.55 0.07
C ARG A 158 -23.76 22.11 0.59
N ALA A 159 -22.56 21.65 0.92
CA ALA A 159 -22.40 20.29 1.43
C ALA A 159 -23.16 20.11 2.74
N ASN A 160 -23.11 21.12 3.60
CA ASN A 160 -23.87 21.07 4.85
C ASN A 160 -25.38 21.00 4.59
N ARG A 161 -25.82 21.69 3.56
CA ARG A 161 -27.23 21.67 3.18
C ARG A 161 -27.61 20.28 2.67
N TYR A 162 -26.72 19.64 1.93
CA TYR A 162 -26.97 18.28 1.47
C TYR A 162 -27.21 17.38 2.66
N MET A 163 -26.33 17.48 3.65
CA MET A 163 -26.45 16.67 4.86
C MET A 163 -27.76 16.92 5.60
N ALA A 164 -28.08 18.20 5.79
CA ALA A 164 -29.30 18.56 6.50
C ALA A 164 -30.49 18.02 5.77
N GLU A 165 -30.48 18.19 4.46
CA GLU A 165 -31.58 17.73 3.64
C GLU A 165 -31.77 16.22 3.78
N TYR A 166 -30.67 15.46 3.77
CA TYR A 166 -30.84 14.02 3.93
C TYR A 166 -31.37 13.69 5.33
N ALA A 167 -30.85 14.37 6.35
CA ALA A 167 -31.30 14.16 7.72
C ALA A 167 -32.80 14.44 7.85
N ARG A 168 -33.27 15.45 7.13
CA ARG A 168 -34.68 15.80 7.17
C ARG A 168 -35.50 14.65 6.60
N LEU A 169 -35.08 14.17 5.42
CA LEU A 169 -35.74 13.05 4.75
C LEU A 169 -35.83 11.87 5.68
N LEU A 170 -34.75 11.61 6.39
CA LEU A 170 -34.66 10.45 7.24
C LEU A 170 -35.58 10.64 8.45
N THR A 171 -35.47 11.78 9.12
CA THR A 171 -36.20 12.00 10.37
C THR A 171 -37.69 12.27 10.15
N SER A 172 -38.05 12.69 8.94
CA SER A 172 -39.45 13.00 8.65
C SER A 172 -40.24 11.74 8.34
N GLN A 173 -39.55 10.73 7.83
CA GLN A 173 -40.21 9.50 7.40
C GLN A 173 -40.02 8.39 8.41
N ARG A 174 -39.00 8.52 9.25
CA ARG A 174 -38.78 7.53 10.28
C ARG A 174 -38.77 8.22 11.64
N ARG A 175 -39.35 7.58 12.64
CA ARG A 175 -39.44 8.18 13.97
C ARG A 175 -38.52 7.48 14.94
N ASP A 176 -38.19 8.17 16.02
CA ASP A 176 -37.29 7.64 17.05
C ASP A 176 -35.90 7.32 16.51
N ILE A 177 -35.50 8.03 15.46
CA ILE A 177 -34.14 7.96 14.93
C ILE A 177 -33.13 8.47 15.97
N ARG A 178 -32.00 7.77 16.10
CA ARG A 178 -30.93 8.20 16.98
C ARG A 178 -29.74 8.71 16.15
N ILE A 179 -29.35 9.95 16.41
CA ILE A 179 -28.29 10.60 15.64
C ILE A 179 -27.10 10.92 16.54
N LEU A 180 -25.89 10.74 16.04
CA LEU A 180 -24.73 11.24 16.74
C LEU A 180 -23.92 12.07 15.76
N GLU A 181 -23.52 13.26 16.18
CA GLU A 181 -22.65 14.07 15.34
C GLU A 181 -21.24 14.07 15.92
N ILE A 182 -20.30 13.73 15.05
CA ILE A 182 -18.88 13.71 15.37
C ILE A 182 -18.30 15.04 14.95
N GLY A 183 -17.36 15.55 15.75
CA GLY A 183 -16.72 16.82 15.45
C GLY A 183 -17.69 17.94 15.14
N ALA A 184 -18.74 18.06 15.96
CA ALA A 184 -19.77 19.05 15.72
C ALA A 184 -19.21 20.47 15.86
N GLY A 185 -18.12 20.61 16.61
CA GLY A 185 -17.49 21.90 16.80
C GLY A 185 -18.46 22.93 17.36
N THR A 186 -18.53 24.09 16.71
CA THR A 186 -19.41 25.17 17.15
C THR A 186 -20.82 25.01 16.60
N GLY A 187 -21.06 23.91 15.88
CA GLY A 187 -22.40 23.57 15.46
C GLY A 187 -22.85 24.13 14.13
N GLY A 188 -21.89 24.39 13.25
CA GLY A 188 -22.21 24.89 11.92
C GLY A 188 -23.05 23.93 11.11
N THR A 189 -22.65 22.67 11.06
CA THR A 189 -23.45 21.68 10.35
C THR A 189 -24.74 21.43 11.13
N THR A 190 -24.60 21.30 12.45
CA THR A 190 -25.71 21.01 13.34
C THR A 190 -26.83 21.99 13.16
N SER A 191 -26.47 23.26 13.07
CA SER A 191 -27.42 24.34 12.92
C SER A 191 -28.25 24.17 11.66
N GLU A 192 -27.60 23.79 10.56
CA GLU A 192 -28.30 23.54 9.31
C GLU A 192 -29.22 22.34 9.44
N VAL A 193 -28.72 21.29 10.09
CA VAL A 193 -29.49 20.07 10.27
C VAL A 193 -30.75 20.33 11.09
N LEU A 194 -30.57 20.97 12.23
CA LEU A 194 -31.67 21.25 13.14
C LEU A 194 -32.71 22.16 12.50
N ASN A 195 -32.25 23.15 11.76
CA ASN A 195 -33.17 24.06 11.10
C ASN A 195 -34.11 23.36 10.11
N LEU A 196 -33.64 22.30 9.45
CA LEU A 196 -34.49 21.54 8.54
C LEU A 196 -35.29 20.44 9.24
N CYS A 197 -34.66 19.76 10.20
CA CYS A 197 -35.32 18.66 10.90
C CYS A 197 -36.30 19.14 11.98
N SER A 198 -36.06 20.34 12.51
CA SER A 198 -36.87 20.85 13.61
C SER A 198 -37.00 22.35 13.45
N PRO A 199 -37.72 22.78 12.40
CA PRO A 199 -37.87 24.20 12.08
C PRO A 199 -38.54 25.01 13.20
N ASN A 200 -39.27 24.34 14.09
CA ASN A 200 -39.95 25.03 15.18
C ASN A 200 -39.50 24.58 16.55
N GLY A 201 -38.39 23.87 16.59
CA GLY A 201 -37.85 23.41 17.85
C GLY A 201 -38.57 22.17 18.35
N GLU A 202 -39.42 21.58 17.50
CA GLU A 202 -40.14 20.38 17.93
C GLU A 202 -39.21 19.17 18.03
N SER A 203 -39.56 18.24 18.90
CA SER A 203 -38.84 16.99 19.00
C SER A 203 -38.94 16.31 17.63
N PHE A 204 -37.86 15.70 17.14
CA PHE A 204 -37.88 15.13 15.80
C PHE A 204 -37.15 13.78 15.71
N CYS A 205 -36.54 13.37 16.81
CA CYS A 205 -35.81 12.11 16.83
C CYS A 205 -35.72 11.67 18.28
N ALA A 206 -35.24 10.45 18.51
CA ALA A 206 -35.12 9.91 19.85
C ALA A 206 -33.86 10.39 20.55
N GLU A 207 -32.87 10.80 19.76
CA GLU A 207 -31.60 11.23 20.33
C GLU A 207 -30.80 12.02 19.32
N TYR A 208 -30.26 13.14 19.77
CA TYR A 208 -29.23 13.82 19.00
C TYR A 208 -28.03 14.00 19.92
N MET A 209 -27.06 13.11 19.76
CA MET A 209 -25.85 13.17 20.57
C MET A 209 -24.84 14.10 19.90
N TYR A 210 -24.70 15.30 20.47
CA TYR A 210 -23.77 16.32 20.00
C TYR A 210 -22.39 16.04 20.61
N THR A 211 -21.41 15.76 19.78
CA THR A 211 -20.08 15.46 20.32
C THR A 211 -18.97 16.22 19.62
N ASP A 212 -17.85 16.34 20.32
CA ASP A 212 -16.64 16.88 19.73
C ASP A 212 -15.45 16.33 20.50
N LEU A 213 -14.26 16.45 19.92
CA LEU A 213 -13.05 16.09 20.63
C LEU A 213 -12.92 16.93 21.91
N SER A 214 -13.30 18.20 21.80
CA SER A 214 -13.13 19.15 22.88
C SER A 214 -14.46 19.64 23.40
N PRO A 215 -14.68 19.50 24.72
CA PRO A 215 -15.91 19.97 25.37
C PRO A 215 -15.97 21.50 25.39
N GLY A 216 -14.85 22.14 25.04
CA GLY A 216 -14.79 23.59 25.05
C GLY A 216 -15.83 24.21 24.14
N PHE A 217 -16.27 23.47 23.12
CA PHE A 217 -17.26 23.98 22.17
C PHE A 217 -18.66 23.94 22.75
N PHE A 218 -18.90 23.09 23.75
CA PHE A 218 -20.25 22.77 24.14
C PHE A 218 -21.00 24.00 24.68
N ASN A 219 -20.32 24.84 25.44
CA ASN A 219 -20.97 26.02 26.02
C ASN A 219 -21.55 26.93 24.94
N ALA A 220 -20.73 27.30 23.97
CA ALA A 220 -21.17 28.18 22.88
C ALA A 220 -22.21 27.49 22.00
N ALA A 221 -22.08 26.17 21.85
CA ALA A 221 -23.02 25.42 21.03
C ALA A 221 -24.42 25.50 21.64
N LYS A 222 -24.50 25.31 22.95
CA LYS A 222 -25.78 25.38 23.64
C LYS A 222 -26.45 26.72 23.39
N THR A 223 -25.68 27.80 23.40
CA THR A 223 -26.21 29.12 23.11
C THR A 223 -26.63 29.23 21.65
N THR A 224 -25.72 28.89 20.74
CA THR A 224 -26.02 28.91 19.32
C THR A 224 -27.26 28.07 18.98
N LEU A 225 -27.37 26.91 19.63
CA LEU A 225 -28.45 25.97 19.33
C LEU A 225 -29.55 25.99 20.39
N LYS A 226 -29.68 27.14 21.07
CA LYS A 226 -30.66 27.31 22.15
C LYS A 226 -32.08 26.90 21.75
N LYS A 227 -32.49 27.23 20.53
CA LYS A 227 -33.81 26.87 20.04
C LYS A 227 -34.10 25.37 20.13
N TRP A 228 -33.05 24.54 20.18
CA TRP A 228 -33.20 23.08 20.20
C TRP A 228 -32.53 22.42 21.40
N GLU A 229 -32.10 23.22 22.38
CA GLU A 229 -31.22 22.70 23.43
C GLU A 229 -31.74 21.48 24.21
N SER A 230 -33.04 21.45 24.49
CA SER A 230 -33.62 20.35 25.27
C SER A 230 -33.59 19.03 24.51
N HIS A 231 -33.31 19.09 23.22
CA HIS A 231 -33.31 17.89 22.39
C HIS A 231 -31.90 17.36 22.15
N LEU A 232 -30.90 18.08 22.62
CA LEU A 232 -29.52 17.74 22.35
C LEU A 232 -28.85 17.20 23.60
N ALA A 233 -28.03 16.17 23.43
CA ALA A 233 -27.17 15.72 24.51
C ALA A 233 -25.74 16.03 24.10
N PHE A 234 -24.89 16.27 25.08
CA PHE A 234 -23.52 16.68 24.80
C PHE A 234 -22.52 15.76 25.47
N GLN A 235 -21.58 15.27 24.69
CA GLN A 235 -20.58 14.37 25.24
C GLN A 235 -19.30 14.42 24.42
N VAL A 236 -18.17 14.38 25.13
CA VAL A 236 -16.88 14.37 24.47
C VAL A 236 -16.73 13.06 23.70
N LEU A 237 -16.21 13.15 22.49
CA LEU A 237 -15.91 11.98 21.70
C LEU A 237 -14.67 12.24 20.87
N ASN A 238 -13.62 11.49 21.17
CA ASN A 238 -12.44 11.43 20.33
C ASN A 238 -12.61 10.21 19.45
N ILE A 239 -12.92 10.45 18.17
CA ILE A 239 -13.27 9.36 17.27
C ILE A 239 -12.05 8.50 16.93
N GLU A 240 -10.87 8.94 17.34
CA GLU A 240 -9.68 8.12 17.14
C GLU A 240 -9.61 7.00 18.18
N ASP A 241 -10.43 7.13 19.22
CA ASP A 241 -10.45 6.15 20.30
C ASP A 241 -11.76 5.37 20.36
N ASP A 242 -11.71 4.17 20.97
CA ASP A 242 -12.89 3.33 21.08
C ASP A 242 -14.04 4.09 21.72
N PRO A 243 -15.16 4.18 21.00
CA PRO A 243 -16.32 4.94 21.51
C PRO A 243 -16.90 4.31 22.78
N ALA A 244 -16.91 2.98 22.87
CA ALA A 244 -17.47 2.33 24.04
C ALA A 244 -16.74 2.77 25.32
N GLY A 245 -15.42 2.83 25.22
CA GLY A 245 -14.57 3.29 26.31
C GLY A 245 -14.79 4.76 26.67
N GLN A 246 -15.54 5.47 25.84
CA GLN A 246 -15.81 6.88 26.10
C GLN A 246 -17.24 7.14 26.56
N GLY A 247 -17.91 6.07 26.96
CA GLY A 247 -19.24 6.21 27.55
C GLY A 247 -20.36 6.23 26.54
N PHE A 248 -20.10 5.73 25.34
CA PHE A 248 -21.12 5.66 24.30
C PHE A 248 -21.61 4.24 24.14
N LYS A 249 -22.87 4.09 23.75
CA LYS A 249 -23.46 2.78 23.55
C LYS A 249 -23.27 2.29 22.12
N GLU A 250 -22.45 1.24 21.95
CA GLU A 250 -22.15 0.72 20.62
C GLU A 250 -23.39 0.31 19.84
N HIS A 251 -23.36 0.55 18.54
CA HIS A 251 -24.39 0.08 17.61
C HIS A 251 -25.80 0.52 17.97
N THR A 252 -25.95 1.74 18.44
CA THR A 252 -27.28 2.24 18.82
C THR A 252 -27.78 3.33 17.90
N TYR A 253 -26.90 3.89 17.06
CA TYR A 253 -27.30 5.05 16.26
C TYR A 253 -27.71 4.68 14.84
N ASP A 254 -28.71 5.41 14.33
CA ASP A 254 -29.21 5.22 12.98
C ASP A 254 -28.53 6.09 11.95
N LEU A 255 -28.03 7.23 12.41
CA LEU A 255 -27.38 8.19 11.56
C LEU A 255 -26.22 8.83 12.30
N ILE A 256 -25.06 8.83 11.66
CA ILE A 256 -23.93 9.57 12.17
C ILE A 256 -23.55 10.65 11.16
N ILE A 257 -23.43 11.87 11.67
CA ILE A 257 -23.05 13.01 10.88
C ILE A 257 -21.62 13.39 11.22
N ALA A 258 -20.78 13.51 10.20
CA ALA A 258 -19.37 13.87 10.38
C ALA A 258 -18.96 14.84 9.29
N ALA A 259 -19.02 16.13 9.60
CA ALA A 259 -18.74 17.15 8.60
C ALA A 259 -17.37 17.74 8.84
N ASN A 260 -16.49 17.56 7.87
CA ASN A 260 -15.17 18.20 7.90
C ASN A 260 -14.35 17.81 9.14
N VAL A 261 -14.45 16.55 9.56
CA VAL A 261 -13.75 16.10 10.75
C VAL A 261 -12.95 14.81 10.58
N ILE A 262 -13.49 13.86 9.82
CA ILE A 262 -12.87 12.54 9.76
C ILE A 262 -11.43 12.62 9.24
N HIS A 263 -11.20 13.51 8.28
CA HIS A 263 -9.85 13.64 7.70
C HIS A 263 -8.86 14.15 8.73
N ALA A 264 -9.36 14.82 9.76
CA ALA A 264 -8.50 15.42 10.77
C ALA A 264 -8.04 14.39 11.81
N THR A 265 -8.19 13.11 11.50
CA THR A 265 -7.72 12.05 12.39
C THR A 265 -6.45 11.40 11.86
N ALA A 266 -5.77 10.64 12.70
CA ALA A 266 -4.45 10.13 12.34
C ALA A 266 -4.51 8.94 11.38
N ARG A 267 -5.41 8.01 11.64
CA ARG A 267 -5.48 6.79 10.85
C ARG A 267 -6.92 6.53 10.44
N LEU A 268 -7.22 6.82 9.18
CA LEU A 268 -8.59 6.82 8.71
C LEU A 268 -9.31 5.49 8.92
N THR A 269 -8.66 4.35 8.71
CA THR A 269 -9.35 3.07 8.91
C THR A 269 -9.72 2.88 10.37
N ASN A 270 -8.85 3.32 11.28
CA ASN A 270 -9.17 3.25 12.69
C ASN A 270 -10.36 4.14 13.05
N THR A 271 -10.34 5.36 12.54
CA THR A 271 -11.45 6.29 12.75
C THR A 271 -12.78 5.74 12.20
N LEU A 272 -12.75 5.21 10.98
CA LEU A 272 -13.97 4.68 10.38
C LEU A 272 -14.48 3.46 11.13
N SER A 273 -13.56 2.63 11.63
CA SER A 273 -13.94 1.47 12.41
C SER A 273 -14.65 1.91 13.69
N ASN A 274 -14.20 3.02 14.27
CA ASN A 274 -14.82 3.55 15.47
C ASN A 274 -16.20 4.10 15.16
N VAL A 275 -16.36 4.73 14.00
CA VAL A 275 -17.67 5.19 13.55
C VAL A 275 -18.61 4.00 13.41
N HIS A 276 -18.07 2.91 12.89
CA HIS A 276 -18.85 1.71 12.67
C HIS A 276 -19.37 1.16 14.00
N LYS A 277 -18.57 1.28 15.04
CA LYS A 277 -18.93 0.70 16.31
C LYS A 277 -20.15 1.39 16.90
N LEU A 278 -20.41 2.61 16.43
CA LEU A 278 -21.53 3.40 16.93
C LEU A 278 -22.84 3.14 16.21
N LEU A 279 -22.74 2.71 14.95
CA LEU A 279 -23.93 2.57 14.11
C LEU A 279 -24.58 1.20 14.22
N LYS A 280 -25.90 1.19 14.22
CA LYS A 280 -26.63 -0.05 13.99
C LYS A 280 -26.37 -0.54 12.58
N PRO A 281 -26.38 -1.87 12.38
CA PRO A 281 -26.37 -2.39 11.01
C PRO A 281 -27.50 -1.78 10.22
N GLY A 282 -27.20 -1.27 9.02
CA GLY A 282 -28.20 -0.58 8.24
C GLY A 282 -28.22 0.91 8.56
N GLY A 283 -27.51 1.29 9.62
CA GLY A 283 -27.36 2.71 9.96
C GLY A 283 -26.61 3.44 8.87
N VAL A 284 -26.85 4.74 8.76
CA VAL A 284 -26.26 5.54 7.70
C VAL A 284 -25.16 6.47 8.23
N PHE A 285 -24.05 6.51 7.50
CA PHE A 285 -22.93 7.40 7.80
C PHE A 285 -22.95 8.56 6.82
N GLY A 286 -23.15 9.76 7.34
CA GLY A 286 -23.16 10.95 6.53
C GLY A 286 -21.82 11.65 6.64
N LEU A 287 -21.04 11.57 5.57
CA LEU A 287 -19.69 12.09 5.56
C LEU A 287 -19.59 13.32 4.68
N VAL A 288 -19.34 14.47 5.29
CA VAL A 288 -19.13 15.69 4.54
C VAL A 288 -17.65 16.00 4.51
N GLU A 289 -17.09 16.06 3.31
CA GLU A 289 -15.65 16.19 3.16
C GLU A 289 -15.30 17.05 1.98
N LEU A 290 -14.14 17.72 2.07
CA LEU A 290 -13.56 18.33 0.89
C LEU A 290 -13.11 17.22 -0.05
N THR A 291 -13.27 17.43 -1.34
CA THR A 291 -12.93 16.40 -2.34
C THR A 291 -11.48 16.44 -2.78
N ARG A 292 -10.86 17.61 -2.65
CA ARG A 292 -9.49 17.77 -3.12
C ARG A 292 -8.90 19.02 -2.51
N LEU A 293 -7.58 19.05 -2.52
CA LEU A 293 -6.88 20.21 -2.02
C LEU A 293 -6.95 21.34 -3.04
N THR A 294 -7.21 22.53 -2.54
CA THR A 294 -7.05 23.73 -3.35
C THR A 294 -6.07 24.62 -2.61
N PRO A 295 -5.44 25.54 -3.33
CA PRO A 295 -4.52 26.50 -2.70
C PRO A 295 -5.18 27.19 -1.54
N PHE A 296 -6.43 27.58 -1.69
CA PHE A 296 -7.16 28.27 -0.63
C PHE A 296 -7.27 27.45 0.67
N TYR A 297 -7.52 26.15 0.53
CA TYR A 297 -7.63 25.29 1.70
C TYR A 297 -6.25 25.10 2.31
N ASN A 298 -5.25 25.03 1.46
CA ASN A 298 -3.89 24.89 1.94
C ASN A 298 -3.51 26.10 2.78
N LEU A 299 -3.86 27.28 2.28
CA LEU A 299 -3.61 28.52 3.01
C LEU A 299 -4.41 28.58 4.29
N THR A 300 -5.69 28.24 4.20
CA THR A 300 -6.61 28.39 5.30
C THR A 300 -6.39 27.40 6.43
N PHE A 301 -6.21 26.13 6.08
CA PHE A 301 -6.13 25.10 7.10
C PHE A 301 -4.73 24.54 7.22
N GLY A 302 -3.92 24.71 6.18
CA GLY A 302 -2.60 24.11 6.16
C GLY A 302 -1.69 24.66 7.24
N SER A 303 -2.01 25.85 7.76
CA SER A 303 -1.20 26.48 8.81
C SER A 303 -1.48 25.84 10.17
N LEU A 304 -2.53 25.05 10.24
CA LEU A 304 -2.96 24.45 11.51
C LEU A 304 -2.46 23.03 11.65
N SER A 305 -2.06 22.66 12.87
CA SER A 305 -1.46 21.35 13.10
C SER A 305 -2.38 20.21 12.70
N GLY A 306 -3.68 20.40 12.92
CA GLY A 306 -4.65 19.36 12.65
C GLY A 306 -4.70 18.86 11.20
N TRP A 307 -4.30 19.73 10.28
CA TRP A 307 -4.29 19.42 8.84
C TRP A 307 -3.33 18.28 8.51
N TRP A 308 -2.33 18.10 9.38
CA TRP A 308 -1.23 17.19 9.11
C TRP A 308 -1.31 15.95 9.99
N ALA A 309 -2.50 15.69 10.52
CA ALA A 309 -2.72 14.55 11.39
C ALA A 309 -2.45 13.20 10.70
N GLY A 310 -2.49 13.16 9.38
CA GLY A 310 -2.37 11.89 8.68
C GLY A 310 -1.04 11.65 8.00
N VAL A 311 -0.05 12.50 8.29
CA VAL A 311 1.24 12.39 7.59
C VAL A 311 1.90 11.02 7.80
N ASP A 312 1.73 10.45 9.00
CA ASP A 312 2.38 9.18 9.30
C ASP A 312 1.81 8.02 8.50
N GLU A 313 0.61 8.18 7.93
CA GLU A 313 0.08 7.14 7.09
C GLU A 313 0.05 7.57 5.62
N GLY A 314 0.80 8.60 5.27
CA GLY A 314 0.96 8.95 3.87
C GLY A 314 0.08 10.10 3.38
N ARG A 315 -0.73 10.65 4.25
CA ARG A 315 -1.50 11.83 3.85
C ARG A 315 -0.65 13.06 4.16
N THR A 316 0.28 13.33 3.25
CA THR A 316 1.37 14.26 3.50
C THR A 316 1.24 15.59 2.76
N GLU A 317 0.41 15.62 1.72
CA GLU A 317 0.11 16.85 1.01
C GLU A 317 -1.04 17.59 1.68
N SER A 318 -1.94 16.81 2.26
CA SER A 318 -3.11 17.32 3.00
C SER A 318 -3.71 16.11 3.69
N PRO A 319 -4.74 16.33 4.53
CA PRO A 319 -5.36 15.17 5.18
C PRO A 319 -6.46 14.57 4.31
N LEU A 320 -6.70 15.18 3.16
CA LEU A 320 -7.91 14.89 2.41
C LEU A 320 -7.83 13.59 1.62
N GLN A 321 -9.00 13.05 1.33
CA GLN A 321 -9.13 11.89 0.48
C GLN A 321 -10.17 12.21 -0.59
N SER A 322 -9.98 11.66 -1.79
CA SER A 322 -10.98 11.77 -2.84
C SER A 322 -12.17 10.88 -2.50
N PRO A 323 -13.31 11.13 -3.13
CA PRO A 323 -14.49 10.27 -2.92
C PRO A 323 -14.18 8.82 -3.20
N GLN A 324 -13.37 8.57 -4.22
CA GLN A 324 -13.00 7.22 -4.60
C GLN A 324 -12.19 6.58 -3.47
N GLN A 325 -11.30 7.36 -2.88
CA GLN A 325 -10.52 6.88 -1.75
C GLN A 325 -11.39 6.61 -0.53
N TRP A 326 -12.34 7.51 -0.25
CA TRP A 326 -13.26 7.25 0.85
C TRP A 326 -14.07 5.99 0.57
N ASN A 327 -14.48 5.82 -0.67
CA ASN A 327 -15.25 4.64 -1.05
C ASN A 327 -14.49 3.36 -0.66
N SER A 328 -13.21 3.29 -1.01
CA SER A 328 -12.41 2.12 -0.66
C SER A 328 -12.25 1.96 0.84
N LEU A 329 -11.99 3.05 1.54
CA LEU A 329 -11.82 3.01 3.00
C LEU A 329 -13.09 2.50 3.67
N LEU A 330 -14.23 3.01 3.24
CA LEU A 330 -15.51 2.58 3.79
C LEU A 330 -15.72 1.08 3.61
N LYS A 331 -15.46 0.56 2.41
CA LYS A 331 -15.64 -0.87 2.15
C LYS A 331 -14.75 -1.72 3.07
N GLN A 332 -13.61 -1.18 3.47
CA GLN A 332 -12.67 -1.95 4.28
C GLN A 332 -12.97 -1.84 5.77
N THR A 333 -13.93 -1.02 6.13
CA THR A 333 -14.17 -0.79 7.55
C THR A 333 -15.60 -1.12 7.96
N GLY A 334 -16.25 -1.98 7.20
CA GLY A 334 -17.56 -2.49 7.57
C GLY A 334 -18.73 -1.71 7.00
N PHE A 335 -18.45 -0.88 5.99
CA PHE A 335 -19.49 -0.11 5.32
C PHE A 335 -19.67 -0.57 3.89
N SER A 336 -20.74 -0.08 3.26
CA SER A 336 -21.09 -0.43 1.89
C SER A 336 -20.26 0.31 0.88
N GLY A 337 -19.53 1.32 1.33
CA GLY A 337 -18.85 2.22 0.42
C GLY A 337 -19.72 3.45 0.21
N VAL A 338 -19.40 4.25 -0.80
CA VAL A 338 -20.19 5.44 -1.09
C VAL A 338 -21.49 5.06 -1.82
N ASP A 339 -22.61 5.09 -1.11
CA ASP A 339 -23.90 4.80 -1.71
C ASP A 339 -24.37 5.98 -2.56
N LEU A 340 -24.03 7.17 -2.10
CA LEU A 340 -24.45 8.39 -2.79
C LEU A 340 -23.43 9.48 -2.58
N ALA A 341 -23.06 10.13 -3.67
CA ALA A 341 -22.17 11.28 -3.59
C ALA A 341 -22.87 12.50 -4.17
N ALA A 342 -22.97 13.55 -3.37
CA ALA A 342 -23.49 14.82 -3.84
C ALA A 342 -22.42 15.89 -3.69
N TYR A 343 -22.05 16.51 -4.82
CA TYR A 343 -21.00 17.50 -4.87
C TYR A 343 -21.54 18.94 -4.85
N ASP A 344 -20.79 19.86 -4.25
CA ASP A 344 -21.24 21.24 -4.15
C ASP A 344 -21.43 21.85 -5.54
N LEU A 345 -20.53 21.52 -6.46
CA LEU A 345 -20.58 22.06 -7.82
C LEU A 345 -20.25 20.98 -8.85
N PRO A 346 -20.73 21.17 -10.09
CA PRO A 346 -20.29 20.28 -11.17
C PRO A 346 -18.95 20.69 -11.79
N GLY A 347 -18.29 19.72 -12.41
CA GLY A 347 -17.03 19.98 -13.08
C GLY A 347 -15.82 19.91 -12.16
N PRO A 348 -14.66 20.37 -12.65
CA PRO A 348 -13.36 20.33 -11.96
C PRO A 348 -13.28 21.20 -10.71
N GLU A 349 -14.03 22.31 -10.67
CA GLU A 349 -13.91 23.29 -9.58
C GLU A 349 -14.79 22.97 -8.37
N ARG A 350 -15.41 21.79 -8.40
CA ARG A 350 -16.07 21.24 -7.24
C ARG A 350 -15.01 21.05 -6.16
N HIS A 351 -15.37 21.16 -4.90
CA HIS A 351 -14.37 20.95 -3.86
C HIS A 351 -14.93 20.32 -2.59
N SER A 352 -16.24 20.10 -2.53
CA SER A 352 -16.81 19.46 -1.37
C SER A 352 -17.95 18.51 -1.75
N CYS A 353 -18.27 17.60 -0.85
CA CYS A 353 -19.30 16.62 -1.11
C CYS A 353 -19.90 16.08 0.17
N LEU A 354 -21.09 15.52 0.00
CA LEU A 354 -21.69 14.65 0.99
C LEU A 354 -21.53 13.23 0.50
N LEU A 355 -21.03 12.37 1.37
CA LEU A 355 -20.94 10.96 1.03
C LEU A 355 -21.82 10.19 2.01
N LEU A 356 -22.73 9.41 1.47
CA LEU A 356 -23.59 8.59 2.29
C LEU A 356 -23.16 7.16 2.16
N SER A 357 -22.97 6.50 3.30
CA SER A 357 -22.58 5.11 3.31
C SER A 357 -23.46 4.40 4.31
N THR A 358 -23.59 3.10 4.13
CA THR A 358 -24.39 2.26 5.01
C THR A 358 -23.52 1.34 5.84
N ALA A 359 -23.75 1.32 7.15
CA ALA A 359 -23.03 0.41 8.03
C ALA A 359 -23.49 -1.04 7.82
N LEU A 360 -22.52 -1.96 7.68
CA LEU A 360 -22.83 -3.38 7.50
C LEU A 360 -22.42 -4.16 8.73
N SER A 361 -23.26 -5.12 9.12
CA SER A 361 -22.90 -6.00 10.19
C SER A 361 -21.63 -6.75 9.78
N ASN A 362 -20.68 -6.86 10.70
CA ASN A 362 -19.48 -7.64 10.44
C ASN A 362 -19.75 -9.14 10.71
N SER A 363 -20.87 -9.42 11.36
CA SER A 363 -21.29 -10.79 11.65
C SER A 363 -21.84 -11.49 10.40
N SER B 12 12.84 -24.26 -20.71
CA SER B 12 12.45 -25.63 -21.03
C SER B 12 13.07 -26.63 -20.06
N LYS B 13 13.94 -26.15 -19.18
CA LYS B 13 14.63 -27.04 -18.26
C LYS B 13 14.28 -26.74 -16.80
N GLN B 14 13.25 -25.91 -16.62
CA GLN B 14 12.75 -25.54 -15.30
C GLN B 14 12.47 -26.74 -14.39
N THR B 15 12.89 -26.64 -13.13
CA THR B 15 12.52 -27.63 -12.11
C THR B 15 11.85 -26.95 -10.91
N VAL B 16 10.91 -27.66 -10.29
CA VAL B 16 10.25 -27.20 -9.06
C VAL B 16 10.17 -28.39 -8.13
N GLY B 17 10.65 -28.23 -6.91
CA GLY B 17 10.66 -29.33 -5.96
C GLY B 17 11.60 -30.42 -6.45
N GLY B 18 12.57 -30.04 -7.28
CA GLY B 18 13.58 -30.99 -7.72
C GLY B 18 13.14 -31.85 -8.88
N VAL B 19 12.00 -31.53 -9.49
CA VAL B 19 11.59 -32.28 -10.69
C VAL B 19 11.35 -31.33 -11.84
N HIS B 20 11.56 -31.83 -13.05
CA HIS B 20 11.38 -31.00 -14.23
C HIS B 20 9.90 -30.78 -14.52
N VAL B 21 9.50 -29.52 -14.61
CA VAL B 21 8.12 -29.21 -14.93
C VAL B 21 8.07 -27.80 -15.50
N THR B 22 7.19 -27.60 -16.48
CA THR B 22 7.04 -26.31 -17.12
C THR B 22 5.57 -26.01 -17.26
N PRO B 23 5.22 -24.74 -17.44
CA PRO B 23 3.81 -24.45 -17.66
C PRO B 23 3.24 -25.24 -18.85
N GLU B 24 3.99 -25.32 -19.95
CA GLU B 24 3.51 -26.02 -21.14
C GLU B 24 3.22 -27.49 -20.85
N MET B 25 4.07 -28.12 -20.06
CA MET B 25 3.87 -29.52 -19.71
C MET B 25 2.52 -29.75 -19.04
N LEU B 26 2.11 -28.83 -18.19
CA LEU B 26 0.85 -28.97 -17.49
C LEU B 26 -0.30 -28.49 -18.37
N GLU B 27 -0.13 -27.31 -18.96
CA GLU B 27 -1.20 -26.69 -19.74
C GLU B 27 -1.56 -27.48 -21.00
N SER B 28 -0.63 -28.27 -21.51
CA SER B 28 -0.86 -29.04 -22.73
C SER B 28 -1.71 -30.27 -22.44
N VAL B 29 -1.86 -30.60 -21.16
CA VAL B 29 -2.67 -31.75 -20.76
C VAL B 29 -4.12 -31.59 -21.22
N GLN B 30 -4.65 -32.63 -21.83
CA GLN B 30 -6.03 -32.66 -22.28
C GLN B 30 -6.88 -33.56 -21.40
N ILE B 31 -8.04 -33.05 -20.97
CA ILE B 31 -8.94 -33.86 -20.16
C ILE B 31 -10.38 -33.65 -20.61
N PRO B 32 -11.23 -34.66 -20.36
CA PRO B 32 -12.67 -34.63 -20.64
C PRO B 32 -13.36 -33.48 -19.92
N LEU B 33 -14.18 -32.75 -20.65
CA LEU B 33 -14.91 -31.61 -20.11
C LEU B 33 -16.35 -31.76 -20.53
N GLU B 34 -17.27 -31.36 -19.66
CA GLU B 34 -18.68 -31.48 -19.99
C GLU B 34 -18.97 -30.72 -21.29
N ALA B 35 -18.20 -29.66 -21.53
CA ALA B 35 -18.32 -28.88 -22.76
C ALA B 35 -18.17 -29.75 -24.01
N ASP B 36 -17.38 -30.81 -23.88
CA ASP B 36 -17.14 -31.75 -24.95
C ASP B 36 -18.44 -32.35 -25.47
N LYS B 37 -19.31 -32.76 -24.54
CA LYS B 37 -20.54 -33.45 -24.91
C LYS B 37 -21.54 -32.54 -25.61
N VAL B 38 -21.50 -31.26 -25.30
CA VAL B 38 -22.37 -30.27 -25.93
C VAL B 38 -21.75 -29.74 -27.21
N GLY B 39 -20.45 -29.99 -27.39
CA GLY B 39 -19.76 -29.62 -28.61
C GLY B 39 -19.18 -28.23 -28.55
N MET B 40 -18.69 -27.85 -27.36
CA MET B 40 -18.08 -26.55 -27.21
C MET B 40 -16.65 -26.64 -26.72
N THR B 41 -15.88 -25.60 -27.03
CA THR B 41 -14.54 -25.46 -26.49
C THR B 41 -14.75 -24.98 -25.06
N PRO B 42 -13.77 -25.22 -24.19
CA PRO B 42 -13.88 -24.77 -22.80
C PRO B 42 -14.15 -23.26 -22.73
N ALA B 43 -13.41 -22.48 -23.50
CA ALA B 43 -13.56 -21.02 -23.51
C ALA B 43 -14.95 -20.63 -24.04
N GLU B 44 -15.41 -21.38 -25.03
CA GLU B 44 -16.71 -21.15 -25.64
C GLU B 44 -17.81 -21.34 -24.61
N LYS B 45 -17.74 -22.44 -23.86
CA LYS B 45 -18.72 -22.71 -22.81
C LYS B 45 -18.64 -21.68 -21.69
N SER B 46 -17.43 -21.40 -21.23
CA SER B 46 -17.23 -20.46 -20.15
C SER B 46 -17.84 -19.11 -20.48
N LYS B 47 -17.66 -18.72 -21.73
CA LYS B 47 -18.22 -17.46 -22.24
C LYS B 47 -19.73 -17.48 -22.17
N LEU B 48 -20.33 -18.63 -22.48
CA LEU B 48 -21.77 -18.74 -22.44
C LEU B 48 -22.23 -18.77 -20.99
N VAL B 49 -21.48 -19.46 -20.14
CA VAL B 49 -21.80 -19.51 -18.73
C VAL B 49 -21.91 -18.11 -18.12
N ASN B 50 -20.95 -17.25 -18.42
CA ASN B 50 -21.01 -15.89 -17.90
C ASN B 50 -22.11 -15.06 -18.55
N ALA B 51 -22.40 -15.31 -19.82
CA ALA B 51 -23.48 -14.61 -20.50
C ALA B 51 -24.83 -14.94 -19.86
N ALA B 52 -25.05 -16.22 -19.58
CA ALA B 52 -26.27 -16.67 -18.93
C ALA B 52 -26.38 -16.10 -17.52
N THR B 53 -25.23 -16.07 -16.83
CA THR B 53 -25.19 -15.53 -15.49
C THR B 53 -25.56 -14.06 -15.54
N ALA B 54 -25.02 -13.37 -16.56
CA ALA B 54 -25.22 -11.93 -16.71
C ALA B 54 -26.71 -11.61 -16.86
N VAL B 55 -27.43 -12.49 -17.53
CA VAL B 55 -28.86 -12.33 -17.69
C VAL B 55 -29.56 -12.24 -16.35
N TYR B 56 -29.28 -13.20 -15.47
CA TYR B 56 -29.91 -13.23 -14.15
C TYR B 56 -29.48 -12.06 -13.28
N ILE B 57 -28.21 -11.70 -13.36
CA ILE B 57 -27.70 -10.54 -12.62
C ILE B 57 -28.44 -9.29 -13.04
N ASP B 58 -28.55 -9.09 -14.35
CA ASP B 58 -29.25 -7.92 -14.88
C ASP B 58 -30.69 -7.90 -14.40
N MET B 59 -31.33 -9.08 -14.41
CA MET B 59 -32.71 -9.19 -13.96
C MET B 59 -32.84 -8.83 -12.48
N ALA B 60 -31.92 -9.32 -11.67
CA ALA B 60 -31.97 -9.09 -10.24
C ALA B 60 -31.81 -7.60 -9.94
N VAL B 61 -30.86 -6.97 -10.61
CA VAL B 61 -30.58 -5.56 -10.41
C VAL B 61 -31.80 -4.72 -10.79
N GLU B 62 -32.40 -5.04 -11.94
CA GLU B 62 -33.57 -4.32 -12.38
C GLU B 62 -34.72 -4.49 -11.39
N GLU B 63 -34.90 -5.71 -10.89
CA GLU B 63 -35.98 -5.96 -9.95
C GLU B 63 -35.77 -5.25 -8.61
N MET B 64 -34.54 -5.32 -8.07
CA MET B 64 -34.23 -4.60 -6.83
C MET B 64 -34.55 -3.13 -6.99
N ARG B 65 -34.11 -2.56 -8.10
CA ARG B 65 -34.28 -1.15 -8.34
C ARG B 65 -35.73 -0.76 -8.60
N SER B 66 -36.42 -1.51 -9.44
CA SER B 66 -37.82 -1.19 -9.76
C SER B 66 -38.70 -1.28 -8.52
N ARG B 67 -38.41 -2.23 -7.65
CA ARG B 67 -39.21 -2.42 -6.44
C ARG B 67 -38.69 -1.57 -5.29
N GLY B 68 -37.61 -0.83 -5.54
CA GLY B 68 -37.05 0.06 -4.54
C GLY B 68 -36.55 -0.69 -3.33
N LEU B 69 -36.02 -1.89 -3.54
CA LEU B 69 -35.58 -2.74 -2.45
C LEU B 69 -34.10 -2.55 -2.16
N ALA B 70 -33.74 -2.83 -0.91
CA ALA B 70 -32.34 -2.86 -0.52
C ALA B 70 -32.05 -4.16 0.22
N PRO B 71 -30.81 -4.64 0.09
CA PRO B 71 -30.40 -5.90 0.74
C PRO B 71 -30.31 -5.77 2.26
N LYS B 72 -30.36 -6.90 2.95
CA LYS B 72 -30.01 -6.93 4.36
C LYS B 72 -28.62 -6.33 4.54
N ALA B 73 -28.44 -5.60 5.64
CA ALA B 73 -27.22 -4.83 5.87
C ALA B 73 -26.08 -5.69 6.43
N ASP B 74 -25.59 -6.62 5.62
CA ASP B 74 -24.39 -7.37 5.96
C ASP B 74 -23.54 -7.57 4.70
N TYR B 75 -22.74 -8.63 4.68
CA TYR B 75 -21.85 -8.88 3.54
C TYR B 75 -22.58 -8.90 2.21
N ARG B 76 -23.89 -9.20 2.23
CA ARG B 76 -24.63 -9.29 0.98
C ARG B 76 -24.66 -8.00 0.20
N VAL B 77 -24.52 -6.87 0.89
CA VAL B 77 -24.47 -5.59 0.21
C VAL B 77 -23.22 -5.50 -0.68
N HIS B 78 -22.13 -6.13 -0.25
CA HIS B 78 -20.93 -6.18 -1.10
C HIS B 78 -21.25 -6.93 -2.39
N TRP B 79 -21.97 -8.03 -2.24
CA TRP B 79 -22.41 -8.84 -3.37
C TRP B 79 -23.29 -8.00 -4.28
N TRP B 80 -24.24 -7.30 -3.66
CA TRP B 80 -25.13 -6.41 -4.37
C TRP B 80 -24.35 -5.36 -5.16
N LYS B 81 -23.36 -4.74 -4.51
CA LYS B 81 -22.55 -3.72 -5.18
C LYS B 81 -21.82 -4.27 -6.41
N VAL B 82 -21.27 -5.47 -6.31
CA VAL B 82 -20.57 -6.05 -7.44
C VAL B 82 -21.52 -6.26 -8.61
N MET B 83 -22.74 -6.72 -8.31
CA MET B 83 -23.73 -6.92 -9.36
C MET B 83 -24.14 -5.58 -9.98
N GLN B 84 -24.31 -4.56 -9.14
CA GLN B 84 -24.64 -3.23 -9.63
C GLN B 84 -23.56 -2.70 -10.58
N ASP B 85 -22.31 -2.79 -10.15
CA ASP B 85 -21.20 -2.32 -10.97
C ASP B 85 -21.12 -3.06 -12.29
N PHE B 86 -21.40 -4.35 -12.25
CA PHE B 86 -21.39 -5.16 -13.46
C PHE B 86 -22.41 -4.61 -14.46
N VAL B 87 -23.54 -4.12 -13.94
CA VAL B 87 -24.58 -3.60 -14.82
C VAL B 87 -24.33 -2.15 -15.21
N ASP B 88 -24.13 -1.28 -14.21
CA ASP B 88 -24.00 0.15 -14.45
C ASP B 88 -22.75 0.52 -15.26
N SER B 89 -21.72 -0.32 -15.17
CA SER B 89 -20.48 -0.05 -15.89
C SER B 89 -20.64 -0.34 -17.37
N GLY B 90 -21.74 -0.99 -17.72
CA GLY B 90 -21.97 -1.38 -19.10
C GLY B 90 -21.32 -2.72 -19.37
N GLU B 91 -20.60 -3.22 -18.37
CA GLU B 91 -19.96 -4.53 -18.47
C GLU B 91 -21.00 -5.61 -18.67
N GLY B 92 -22.14 -5.46 -18.03
CA GLY B 92 -23.25 -6.38 -18.22
C GLY B 92 -23.76 -6.31 -19.64
N GLN B 93 -24.08 -5.10 -20.08
CA GLN B 93 -24.59 -4.86 -21.42
C GLN B 93 -23.62 -5.26 -22.51
N ARG B 94 -22.35 -4.94 -22.34
CA ARG B 94 -21.34 -5.35 -23.32
C ARG B 94 -21.44 -6.87 -23.53
N VAL B 95 -21.62 -7.60 -22.43
CA VAL B 95 -21.88 -9.04 -22.49
C VAL B 95 -23.32 -9.33 -22.90
N LEU B 96 -24.25 -8.48 -22.45
CA LEU B 96 -25.67 -8.63 -22.79
C LEU B 96 -25.90 -8.31 -24.26
N GLN B 97 -25.14 -7.36 -24.79
CA GLN B 97 -25.25 -6.99 -26.20
C GLN B 97 -24.73 -8.14 -27.06
N GLU B 98 -23.57 -8.67 -26.70
CA GLU B 98 -22.98 -9.80 -27.42
C GLU B 98 -23.87 -11.04 -27.25
N LEU B 101 -29.91 -13.19 -26.07
CA LEU B 101 -30.54 -14.50 -25.98
C LEU B 101 -32.01 -14.43 -25.59
N THR B 102 -32.85 -15.12 -26.36
CA THR B 102 -34.25 -15.27 -26.03
C THR B 102 -34.40 -16.19 -24.82
N ASN B 103 -35.44 -15.99 -24.02
CA ASN B 103 -35.61 -16.80 -22.82
C ASN B 103 -35.90 -18.26 -23.14
N LEU B 106 -32.86 -19.40 -23.44
CA LEU B 106 -32.06 -19.27 -22.23
C LEU B 106 -31.98 -20.59 -21.49
N GLU B 107 -33.12 -21.25 -21.33
CA GLU B 107 -33.16 -22.52 -20.63
C GLU B 107 -32.45 -23.56 -21.49
N ARG B 108 -32.51 -23.38 -22.80
CA ARG B 108 -31.80 -24.27 -23.71
C ARG B 108 -30.30 -24.20 -23.49
N VAL B 109 -29.79 -22.99 -23.31
CA VAL B 109 -28.38 -22.81 -23.05
C VAL B 109 -28.02 -23.43 -21.71
N ILE B 110 -28.82 -23.11 -20.69
CA ILE B 110 -28.52 -23.56 -19.34
C ILE B 110 -28.52 -25.08 -19.26
N ALA B 111 -29.45 -25.70 -19.99
CA ALA B 111 -29.54 -27.15 -20.04
C ALA B 111 -28.27 -27.74 -20.65
N LYS B 112 -27.62 -26.99 -21.52
CA LYS B 112 -26.36 -27.44 -22.15
C LYS B 112 -25.12 -27.15 -21.30
N LEU B 113 -25.27 -26.36 -20.24
CA LEU B 113 -24.10 -25.91 -19.49
C LEU B 113 -23.73 -26.78 -18.29
N GLY B 114 -24.32 -27.97 -18.21
CA GLY B 114 -23.97 -28.92 -17.16
C GLY B 114 -24.01 -28.34 -15.74
N ILE B 115 -22.95 -28.59 -14.97
CA ILE B 115 -22.92 -28.17 -13.57
C ILE B 115 -23.10 -26.65 -13.44
N GLU B 116 -22.41 -25.90 -14.29
CA GLU B 116 -22.51 -24.45 -14.26
C GLU B 116 -23.94 -24.02 -14.50
N GLY B 117 -24.59 -24.65 -15.47
CA GLY B 117 -25.98 -24.37 -15.74
C GLY B 117 -26.86 -24.65 -14.53
N GLU B 118 -26.57 -25.75 -13.84
CA GLU B 118 -27.33 -26.09 -12.65
C GLU B 118 -27.15 -25.05 -11.53
N VAL B 119 -25.93 -24.53 -11.38
CA VAL B 119 -25.68 -23.53 -10.36
C VAL B 119 -26.44 -22.26 -10.71
N ILE B 120 -26.38 -21.89 -11.97
CA ILE B 120 -27.05 -20.71 -12.47
C ILE B 120 -28.55 -20.81 -12.27
N ALA B 121 -29.10 -21.99 -12.57
CA ALA B 121 -30.53 -22.20 -12.45
C ALA B 121 -30.96 -22.16 -10.98
N ARG B 122 -30.07 -22.60 -10.10
CA ARG B 122 -30.38 -22.62 -8.67
C ARG B 122 -30.26 -21.22 -8.06
N MET B 123 -29.15 -20.54 -8.31
CA MET B 123 -28.88 -19.25 -7.66
C MET B 123 -29.45 -18.06 -8.39
N GLY B 124 -29.42 -18.10 -9.72
CA GLY B 124 -29.85 -16.97 -10.54
C GLY B 124 -31.19 -16.37 -10.17
N PRO B 125 -32.24 -17.20 -10.14
CA PRO B 125 -33.56 -16.66 -9.78
C PRO B 125 -33.70 -16.34 -8.30
N GLU B 126 -32.73 -16.70 -7.47
CA GLU B 126 -32.89 -16.50 -6.03
C GLU B 126 -32.11 -15.29 -5.52
N ILE B 127 -31.50 -14.53 -6.42
CA ILE B 127 -30.68 -13.39 -6.02
C ILE B 127 -31.45 -12.39 -5.16
N VAL B 128 -32.61 -11.94 -5.64
CA VAL B 128 -33.41 -10.99 -4.88
C VAL B 128 -33.85 -11.56 -3.52
N ASN B 129 -34.29 -12.81 -3.51
CA ASN B 129 -34.72 -13.45 -2.27
C ASN B 129 -33.59 -13.54 -1.25
N ILE B 130 -32.38 -13.85 -1.74
CA ILE B 130 -31.22 -13.93 -0.88
C ILE B 130 -30.87 -12.56 -0.33
N LEU B 131 -30.79 -11.58 -1.21
CA LEU B 131 -30.44 -10.23 -0.81
C LEU B 131 -31.37 -9.71 0.27
N THR B 132 -32.65 -10.04 0.13
CA THR B 132 -33.68 -9.49 1.02
C THR B 132 -33.98 -10.43 2.19
N GLY B 133 -33.20 -11.50 2.30
CA GLY B 133 -33.26 -12.39 3.46
C GLY B 133 -34.39 -13.40 3.44
N LYS B 134 -35.04 -13.55 2.29
CA LYS B 134 -36.17 -14.46 2.14
C LYS B 134 -35.68 -15.89 1.86
N THR B 135 -34.46 -16.01 1.36
CA THR B 135 -33.86 -17.30 1.08
C THR B 135 -32.50 -17.38 1.74
N HIS B 136 -32.23 -18.49 2.42
CA HIS B 136 -30.94 -18.73 3.01
C HIS B 136 -29.98 -19.30 1.96
N ALA B 137 -29.03 -18.47 1.56
CA ALA B 137 -28.13 -18.78 0.46
C ALA B 137 -27.36 -20.10 0.61
N LEU B 138 -26.77 -20.32 1.78
CA LEU B 138 -25.94 -21.50 1.99
C LEU B 138 -26.74 -22.79 1.88
N ALA B 139 -27.83 -22.85 2.64
CA ALA B 139 -28.73 -24.00 2.60
C ALA B 139 -29.22 -24.21 1.19
N HIS B 140 -29.50 -23.12 0.49
CA HIS B 140 -30.04 -23.18 -0.86
C HIS B 140 -29.07 -23.83 -1.84
N ILE B 141 -27.83 -23.37 -1.84
CA ILE B 141 -26.85 -23.88 -2.79
C ILE B 141 -26.30 -25.25 -2.39
N MET B 142 -26.40 -25.57 -1.10
CA MET B 142 -25.91 -26.87 -0.61
C MET B 142 -26.88 -27.99 -0.95
N ARG B 143 -28.12 -27.63 -1.27
CA ARG B 143 -29.13 -28.63 -1.58
C ARG B 143 -28.66 -29.50 -2.75
N ASP B 144 -28.81 -30.81 -2.60
CA ASP B 144 -28.32 -31.78 -3.58
C ASP B 144 -26.79 -31.72 -3.72
N ASP B 145 -26.13 -31.21 -2.69
CA ASP B 145 -24.67 -31.11 -2.69
C ASP B 145 -24.15 -30.33 -3.89
N LEU B 146 -24.98 -29.45 -4.43
CA LEU B 146 -24.64 -28.71 -5.64
C LEU B 146 -23.39 -27.88 -5.45
N LEU B 147 -23.26 -27.25 -4.29
CA LEU B 147 -22.08 -26.45 -3.97
C LEU B 147 -20.80 -27.26 -4.09
N PHE B 148 -20.84 -28.48 -3.58
CA PHE B 148 -19.69 -29.39 -3.62
C PHE B 148 -19.32 -29.75 -5.05
N ARG B 149 -20.31 -29.77 -5.93
CA ARG B 149 -20.07 -30.09 -7.32
C ARG B 149 -19.48 -28.93 -8.15
N VAL B 150 -19.48 -27.72 -7.60
CA VAL B 150 -19.01 -26.57 -8.37
C VAL B 150 -17.56 -26.65 -8.92
N TYR B 151 -16.59 -27.09 -8.13
CA TYR B 151 -15.22 -27.23 -8.67
C TYR B 151 -15.03 -28.48 -9.52
N LEU B 152 -15.99 -29.39 -9.47
CA LEU B 152 -15.92 -30.57 -10.34
C LEU B 152 -16.35 -30.14 -11.73
N SER B 153 -16.90 -28.94 -11.82
CA SER B 153 -17.39 -28.44 -13.09
C SER B 153 -16.21 -28.14 -14.00
N ASP B 154 -16.50 -27.89 -15.27
CA ASP B 154 -15.44 -27.56 -16.21
C ASP B 154 -14.66 -26.33 -15.75
N GLU B 155 -15.34 -25.45 -15.01
CA GLU B 155 -14.75 -24.20 -14.52
C GLU B 155 -13.49 -24.43 -13.67
N GLY B 156 -13.43 -25.54 -12.93
CA GLY B 156 -12.29 -25.82 -12.07
C GLY B 156 -11.54 -27.13 -12.26
N ARG B 157 -11.94 -27.91 -13.23
CA ARG B 157 -11.35 -29.25 -13.43
C ARG B 157 -9.88 -29.18 -13.86
N ARG B 158 -9.57 -28.27 -14.78
CA ARG B 158 -8.23 -28.22 -15.34
C ARG B 158 -7.15 -27.85 -14.30
N ALA B 159 -7.40 -26.84 -13.49
CA ALA B 159 -6.41 -26.45 -12.47
C ALA B 159 -6.17 -27.56 -11.44
N ASN B 160 -7.22 -28.26 -11.02
CA ASN B 160 -7.06 -29.41 -10.12
C ASN B 160 -6.25 -30.52 -10.78
N ARG B 161 -6.46 -30.70 -12.08
CA ARG B 161 -5.70 -31.70 -12.83
C ARG B 161 -4.23 -31.29 -12.90
N TYR B 162 -3.99 -29.97 -13.05
CA TYR B 162 -2.62 -29.47 -13.03
C TYR B 162 -1.95 -29.84 -11.72
N MET B 163 -2.65 -29.63 -10.60
CA MET B 163 -2.11 -29.96 -9.29
C MET B 163 -1.76 -31.46 -9.25
N ALA B 164 -2.68 -32.29 -9.74
CA ALA B 164 -2.45 -33.73 -9.78
C ALA B 164 -1.24 -34.12 -10.62
N GLU B 165 -1.09 -33.49 -11.77
CA GLU B 165 0.03 -33.78 -12.66
C GLU B 165 1.33 -33.48 -11.96
N TYR B 166 1.39 -32.33 -11.30
CA TYR B 166 2.62 -31.98 -10.62
C TYR B 166 2.89 -32.96 -9.48
N ALA B 167 1.87 -33.29 -8.71
CA ALA B 167 2.03 -34.24 -7.61
C ALA B 167 2.54 -35.60 -8.15
N ARG B 168 2.03 -36.00 -9.30
CA ARG B 168 2.52 -37.24 -9.90
C ARG B 168 4.00 -37.10 -10.29
N LEU B 169 4.35 -35.99 -10.93
CA LEU B 169 5.76 -35.77 -11.27
C LEU B 169 6.63 -35.88 -10.04
N LEU B 170 6.16 -35.28 -8.95
CA LEU B 170 6.92 -35.22 -7.71
C LEU B 170 7.05 -36.59 -7.02
N THR B 171 5.92 -37.25 -6.82
CA THR B 171 5.91 -38.49 -6.03
C THR B 171 6.46 -39.68 -6.81
N SER B 172 6.46 -39.61 -8.14
CA SER B 172 6.97 -40.70 -8.94
C SER B 172 8.50 -40.62 -9.00
N GLN B 173 9.04 -39.42 -8.86
CA GLN B 173 10.48 -39.23 -8.98
C GLN B 173 11.19 -39.10 -7.64
N ARG B 174 10.44 -38.73 -6.61
CA ARG B 174 10.99 -38.62 -5.27
C ARG B 174 10.17 -39.50 -4.35
N ARG B 175 10.84 -40.20 -3.45
CA ARG B 175 10.15 -41.17 -2.60
C ARG B 175 10.00 -40.63 -1.18
N ASP B 176 9.05 -41.16 -0.45
CA ASP B 176 8.85 -40.75 0.94
C ASP B 176 8.50 -39.28 1.05
N ILE B 177 7.90 -38.74 -0.01
CA ILE B 177 7.34 -37.39 0.03
C ILE B 177 6.21 -37.32 1.05
N ARG B 178 6.17 -36.24 1.82
CA ARG B 178 5.08 -35.99 2.75
C ARG B 178 4.21 -34.86 2.21
N ILE B 179 2.92 -35.15 2.05
CA ILE B 179 1.97 -34.20 1.48
C ILE B 179 0.91 -33.82 2.49
N LEU B 180 0.55 -32.55 2.53
CA LEU B 180 -0.61 -32.11 3.31
C LEU B 180 -1.51 -31.29 2.41
N GLU B 181 -2.79 -31.60 2.44
CA GLU B 181 -3.75 -30.83 1.68
C GLU B 181 -4.60 -29.95 2.59
N ILE B 182 -4.66 -28.67 2.27
CA ILE B 182 -5.46 -27.71 2.98
C ILE B 182 -6.81 -27.53 2.30
N GLY B 183 -7.87 -27.35 3.08
CA GLY B 183 -9.20 -27.17 2.54
C GLY B 183 -9.58 -28.24 1.54
N ALA B 184 -9.33 -29.50 1.88
CA ALA B 184 -9.60 -30.60 0.96
C ALA B 184 -11.10 -30.77 0.69
N GLY B 185 -11.93 -30.32 1.64
CA GLY B 185 -13.37 -30.41 1.50
C GLY B 185 -13.86 -31.82 1.27
N THR B 186 -14.66 -32.03 0.22
CA THR B 186 -15.17 -33.37 -0.10
C THR B 186 -14.17 -34.17 -0.95
N GLY B 187 -13.00 -33.58 -1.19
CA GLY B 187 -11.92 -34.30 -1.84
C GLY B 187 -11.89 -34.25 -3.35
N GLY B 188 -12.45 -33.20 -3.95
CA GLY B 188 -12.40 -33.03 -5.38
C GLY B 188 -10.97 -32.96 -5.91
N THR B 189 -10.15 -32.14 -5.26
CA THR B 189 -8.75 -32.05 -5.67
C THR B 189 -8.03 -33.35 -5.34
N THR B 190 -8.28 -33.86 -4.15
CA THR B 190 -7.63 -35.09 -3.69
C THR B 190 -7.84 -36.25 -4.65
N SER B 191 -9.08 -36.39 -5.12
CA SER B 191 -9.44 -37.48 -6.00
C SER B 191 -8.60 -37.40 -7.27
N GLU B 192 -8.43 -36.19 -7.80
CA GLU B 192 -7.59 -36.01 -8.98
C GLU B 192 -6.14 -36.39 -8.69
N VAL B 193 -5.64 -35.92 -7.54
CA VAL B 193 -4.26 -36.19 -7.16
C VAL B 193 -4.03 -37.70 -6.98
N LEU B 194 -4.89 -38.34 -6.19
CA LEU B 194 -4.75 -39.76 -5.89
C LEU B 194 -4.91 -40.64 -7.13
N ASN B 195 -5.87 -40.31 -7.99
CA ASN B 195 -6.06 -41.08 -9.21
C ASN B 195 -4.84 -41.05 -10.12
N LEU B 196 -4.11 -39.94 -10.10
CA LEU B 196 -2.90 -39.84 -10.90
C LEU B 196 -1.69 -40.41 -10.19
N CYS B 197 -1.56 -40.13 -8.89
CA CYS B 197 -0.37 -40.59 -8.17
C CYS B 197 -0.46 -42.06 -7.79
N SER B 198 -1.68 -42.57 -7.67
CA SER B 198 -1.89 -43.92 -7.20
C SER B 198 -3.11 -44.51 -7.92
N PRO B 199 -2.97 -44.74 -9.23
CA PRO B 199 -4.07 -45.20 -10.07
C PRO B 199 -4.64 -46.54 -9.62
N ASN B 200 -3.86 -47.31 -8.85
CA ASN B 200 -4.33 -48.62 -8.40
C ASN B 200 -4.36 -48.73 -6.88
N GLY B 201 -4.25 -47.58 -6.21
CA GLY B 201 -4.29 -47.56 -4.76
C GLY B 201 -2.98 -47.94 -4.13
N GLU B 202 -1.95 -48.09 -4.96
CA GLU B 202 -0.63 -48.45 -4.47
C GLU B 202 0.01 -47.30 -3.70
N SER B 203 0.90 -47.62 -2.76
CA SER B 203 1.61 -46.61 -2.00
C SER B 203 2.42 -45.71 -2.95
N PHE B 204 2.44 -44.41 -2.66
CA PHE B 204 3.13 -43.49 -3.56
C PHE B 204 3.88 -42.41 -2.82
N CYS B 205 3.67 -42.35 -1.50
CA CYS B 205 4.33 -41.33 -0.68
C CYS B 205 4.36 -41.76 0.78
N ALA B 206 5.08 -41.00 1.60
CA ALA B 206 5.21 -41.31 3.02
C ALA B 206 4.04 -40.82 3.86
N GLU B 207 3.33 -39.81 3.37
CA GLU B 207 2.21 -39.25 4.11
C GLU B 207 1.34 -38.41 3.19
N TYR B 208 0.05 -38.61 3.27
CA TYR B 208 -0.91 -37.68 2.68
C TYR B 208 -1.87 -37.27 3.77
N MET B 209 -1.63 -36.09 4.33
CA MET B 209 -2.44 -35.53 5.39
C MET B 209 -3.61 -34.73 4.80
N TYR B 210 -4.80 -35.33 4.88
CA TYR B 210 -6.05 -34.74 4.40
C TYR B 210 -6.64 -33.82 5.46
N THR B 211 -6.74 -32.53 5.16
CA THR B 211 -7.29 -31.60 6.14
C THR B 211 -8.36 -30.69 5.58
N ASP B 212 -9.18 -30.18 6.48
CA ASP B 212 -10.14 -29.13 6.15
C ASP B 212 -10.45 -28.40 7.42
N LEU B 213 -11.03 -27.21 7.27
CA LEU B 213 -11.51 -26.44 8.40
C LEU B 213 -12.52 -27.26 9.17
N SER B 214 -13.34 -28.03 8.46
CA SER B 214 -14.42 -28.76 9.08
C SER B 214 -14.22 -30.26 9.04
N PRO B 215 -14.25 -30.92 10.21
CA PRO B 215 -14.09 -32.37 10.29
C PRO B 215 -15.32 -33.08 9.69
N GLY B 216 -16.38 -32.32 9.44
CA GLY B 216 -17.61 -32.85 8.88
C GLY B 216 -17.43 -33.52 7.53
N PHE B 217 -16.37 -33.15 6.82
CA PHE B 217 -16.09 -33.73 5.51
C PHE B 217 -15.48 -35.12 5.60
N PHE B 218 -14.88 -35.44 6.74
CA PHE B 218 -13.99 -36.60 6.78
C PHE B 218 -14.69 -37.94 6.54
N ASN B 219 -15.88 -38.14 7.09
CA ASN B 219 -16.55 -39.43 6.95
C ASN B 219 -16.83 -39.80 5.49
N ALA B 220 -17.47 -38.90 4.76
CA ALA B 220 -17.75 -39.13 3.35
C ALA B 220 -16.47 -39.18 2.54
N ALA B 221 -15.47 -38.40 2.94
CA ALA B 221 -14.18 -38.40 2.26
C ALA B 221 -13.53 -39.77 2.35
N LYS B 222 -13.55 -40.34 3.54
CA LYS B 222 -12.99 -41.67 3.75
C LYS B 222 -13.66 -42.67 2.81
N THR B 223 -14.99 -42.54 2.67
CA THR B 223 -15.74 -43.42 1.78
C THR B 223 -15.41 -43.16 0.31
N THR B 224 -15.50 -41.91 -0.10
CA THR B 224 -15.19 -41.51 -1.47
C THR B 224 -13.78 -41.94 -1.87
N LEU B 225 -12.85 -41.86 -0.91
CA LEU B 225 -11.45 -42.14 -1.18
C LEU B 225 -11.05 -43.50 -0.60
N LYS B 226 -12.02 -44.40 -0.51
CA LYS B 226 -11.83 -45.74 0.04
C LYS B 226 -10.60 -46.45 -0.52
N LYS B 227 -10.40 -46.32 -1.83
CA LYS B 227 -9.31 -46.95 -2.56
C LYS B 227 -7.93 -46.59 -2.03
N TRP B 228 -7.81 -45.46 -1.34
CA TRP B 228 -6.52 -44.98 -0.86
C TRP B 228 -6.49 -44.80 0.65
N GLU B 229 -7.49 -45.30 1.35
CA GLU B 229 -7.66 -44.99 2.77
C GLU B 229 -6.44 -45.33 3.62
N SER B 230 -5.76 -46.42 3.30
CA SER B 230 -4.60 -46.83 4.08
C SER B 230 -3.43 -45.86 3.91
N HIS B 231 -3.52 -44.99 2.90
CA HIS B 231 -2.46 -44.04 2.61
C HIS B 231 -2.81 -42.64 3.12
N LEU B 232 -4.01 -42.47 3.66
CA LEU B 232 -4.51 -41.16 4.06
C LEU B 232 -4.62 -40.96 5.56
N ALA B 233 -4.28 -39.76 6.00
CA ALA B 233 -4.58 -39.35 7.37
C ALA B 233 -5.57 -38.19 7.30
N PHE B 234 -6.42 -38.08 8.31
CA PHE B 234 -7.44 -37.02 8.31
C PHE B 234 -7.33 -36.19 9.57
N GLN B 235 -7.22 -34.88 9.41
CA GLN B 235 -7.09 -34.00 10.57
C GLN B 235 -7.58 -32.59 10.28
N VAL B 236 -8.26 -32.02 11.26
CA VAL B 236 -8.76 -30.67 11.12
C VAL B 236 -7.59 -29.68 11.09
N LEU B 237 -7.66 -28.72 10.18
CA LEU B 237 -6.67 -27.65 10.11
C LEU B 237 -7.38 -26.38 9.67
N ASN B 238 -7.37 -25.39 10.55
CA ASN B 238 -7.78 -24.05 10.20
C ASN B 238 -6.51 -23.28 9.85
N ILE B 239 -6.31 -23.02 8.57
CA ILE B 239 -5.03 -22.44 8.14
C ILE B 239 -4.88 -20.99 8.60
N GLU B 240 -5.95 -20.39 9.11
CA GLU B 240 -5.81 -19.03 9.66
C GLU B 240 -5.16 -19.08 11.04
N ASP B 241 -5.08 -20.27 11.63
CA ASP B 241 -4.48 -20.40 12.96
C ASP B 241 -3.19 -21.20 12.93
N ASP B 242 -2.37 -21.01 13.95
CA ASP B 242 -1.08 -21.69 14.03
C ASP B 242 -1.22 -23.20 13.89
N PRO B 243 -0.53 -23.78 12.90
CA PRO B 243 -0.64 -25.21 12.66
C PRO B 243 -0.10 -26.09 13.80
N ALA B 244 0.98 -25.69 14.46
CA ALA B 244 1.53 -26.50 15.55
C ALA B 244 0.49 -26.66 16.67
N GLY B 245 -0.18 -25.57 17.01
CA GLY B 245 -1.22 -25.61 18.01
C GLY B 245 -2.42 -26.49 17.63
N GLN B 246 -2.46 -26.92 16.37
CA GLN B 246 -3.55 -27.77 15.92
C GLN B 246 -3.07 -29.20 15.71
N GLY B 247 -1.89 -29.48 16.25
CA GLY B 247 -1.37 -30.83 16.27
C GLY B 247 -0.58 -31.24 15.05
N PHE B 248 -0.08 -30.26 14.30
CA PHE B 248 0.73 -30.58 13.13
C PHE B 248 2.20 -30.35 13.41
N LYS B 249 3.03 -31.16 12.77
CA LYS B 249 4.48 -31.07 12.95
C LYS B 249 5.05 -30.09 11.96
N GLU B 250 5.57 -28.98 12.47
CA GLU B 250 6.11 -27.91 11.65
C GLU B 250 7.25 -28.38 10.74
N HIS B 251 7.28 -27.81 9.55
CA HIS B 251 8.39 -27.99 8.62
C HIS B 251 8.68 -29.44 8.29
N THR B 252 7.65 -30.26 8.16
CA THR B 252 7.84 -31.68 7.83
C THR B 252 7.29 -32.05 6.47
N TYR B 253 6.54 -31.16 5.85
CA TYR B 253 5.93 -31.51 4.57
C TYR B 253 6.74 -31.04 3.37
N ASP B 254 6.75 -31.87 2.33
CA ASP B 254 7.43 -31.56 1.10
C ASP B 254 6.51 -30.86 0.11
N LEU B 255 5.21 -31.09 0.28
CA LEU B 255 4.23 -30.52 -0.62
C LEU B 255 2.98 -30.15 0.16
N ILE B 256 2.55 -28.92 -0.05
CA ILE B 256 1.26 -28.52 0.48
C ILE B 256 0.37 -28.25 -0.70
N ILE B 257 -0.80 -28.87 -0.69
CA ILE B 257 -1.81 -28.67 -1.70
C ILE B 257 -2.94 -27.82 -1.12
N ALA B 258 -3.25 -26.72 -1.77
CA ALA B 258 -4.32 -25.83 -1.31
C ALA B 258 -5.09 -25.32 -2.50
N ALA B 259 -6.20 -25.98 -2.80
CA ALA B 259 -7.00 -25.66 -3.98
C ALA B 259 -8.25 -24.91 -3.60
N ASN B 260 -8.35 -23.67 -4.08
CA ASN B 260 -9.57 -22.89 -3.93
C ASN B 260 -9.91 -22.69 -2.47
N VAL B 261 -8.90 -22.52 -1.62
CA VAL B 261 -9.14 -22.34 -0.20
C VAL B 261 -8.44 -21.10 0.39
N ILE B 262 -7.21 -20.83 -0.06
CA ILE B 262 -6.40 -19.79 0.58
C ILE B 262 -7.08 -18.42 0.56
N HIS B 263 -7.77 -18.10 -0.53
CA HIS B 263 -8.40 -16.78 -0.65
C HIS B 263 -9.54 -16.61 0.35
N ALA B 264 -10.10 -17.71 0.83
CA ALA B 264 -11.25 -17.66 1.73
C ALA B 264 -10.86 -17.38 3.16
N THR B 265 -9.64 -16.91 3.37
CA THR B 265 -9.19 -16.54 4.72
C THR B 265 -9.13 -15.02 4.86
N ALA B 266 -9.05 -14.53 6.08
CA ALA B 266 -9.18 -13.10 6.35
C ALA B 266 -7.95 -12.29 5.99
N ARG B 267 -6.76 -12.80 6.31
CA ARG B 267 -5.53 -12.06 6.11
C ARG B 267 -4.52 -12.92 5.39
N LEU B 268 -4.34 -12.66 4.10
CA LEU B 268 -3.54 -13.56 3.27
C LEU B 268 -2.10 -13.76 3.78
N THR B 269 -1.43 -12.70 4.23
CA THR B 269 -0.06 -12.88 4.72
C THR B 269 0.01 -13.79 5.94
N ASN B 270 -0.98 -13.70 6.83
CA ASN B 270 -1.05 -14.58 7.98
C ASN B 270 -1.28 -16.02 7.52
N THR B 271 -2.19 -16.18 6.58
CA THR B 271 -2.45 -17.52 6.04
C THR B 271 -1.21 -18.12 5.41
N LEU B 272 -0.52 -17.34 4.59
CA LEU B 272 0.67 -17.82 3.92
C LEU B 272 1.77 -18.11 4.94
N SER B 273 1.86 -17.32 6.00
CA SER B 273 2.84 -17.58 7.04
C SER B 273 2.57 -18.91 7.73
N ASN B 274 1.29 -19.25 7.89
CA ASN B 274 0.94 -20.54 8.48
C ASN B 274 1.24 -21.72 7.56
N VAL B 275 1.01 -21.54 6.26
CA VAL B 275 1.39 -22.56 5.29
C VAL B 275 2.89 -22.76 5.39
N HIS B 276 3.62 -21.65 5.53
CA HIS B 276 5.08 -21.70 5.58
C HIS B 276 5.60 -22.54 6.76
N LYS B 277 4.87 -22.50 7.86
CA LYS B 277 5.27 -23.25 9.06
C LYS B 277 5.17 -24.75 8.86
N LEU B 278 4.39 -25.19 7.88
CA LEU B 278 4.20 -26.62 7.67
C LEU B 278 5.25 -27.21 6.74
N LEU B 279 5.83 -26.38 5.88
CA LEU B 279 6.75 -26.86 4.84
C LEU B 279 8.20 -26.95 5.27
N LYS B 280 8.87 -28.00 4.83
CA LYS B 280 10.33 -28.03 4.89
C LYS B 280 10.83 -26.90 4.02
N PRO B 281 11.98 -26.30 4.38
CA PRO B 281 12.62 -25.42 3.42
C PRO B 281 12.85 -26.19 2.12
N GLY B 282 12.47 -25.61 1.00
CA GLY B 282 12.57 -26.32 -0.26
C GLY B 282 11.32 -27.09 -0.57
N GLY B 283 10.39 -27.15 0.39
CA GLY B 283 9.10 -27.77 0.17
C GLY B 283 8.32 -26.94 -0.82
N VAL B 284 7.39 -27.57 -1.54
CA VAL B 284 6.62 -26.87 -2.55
C VAL B 284 5.20 -26.57 -2.12
N PHE B 285 4.76 -25.35 -2.38
CA PHE B 285 3.39 -24.93 -2.09
C PHE B 285 2.66 -24.96 -3.41
N GLY B 286 1.66 -25.84 -3.51
CA GLY B 286 0.82 -25.94 -4.68
C GLY B 286 -0.48 -25.20 -4.45
N LEU B 287 -0.61 -24.05 -5.09
CA LEU B 287 -1.73 -23.16 -4.88
C LEU B 287 -2.64 -23.15 -6.11
N VAL B 288 -3.84 -23.66 -5.96
CA VAL B 288 -4.85 -23.60 -7.00
C VAL B 288 -5.85 -22.50 -6.70
N GLU B 289 -5.95 -21.54 -7.61
CA GLU B 289 -6.74 -20.34 -7.34
C GLU B 289 -7.43 -19.84 -8.59
N LEU B 290 -8.55 -19.16 -8.40
CA LEU B 290 -9.12 -18.36 -9.47
C LEU B 290 -8.16 -17.20 -9.75
N THR B 291 -8.03 -16.82 -11.02
CA THR B 291 -7.11 -15.74 -11.38
C THR B 291 -7.80 -14.39 -11.30
N ARG B 292 -9.12 -14.41 -11.40
CA ARG B 292 -9.90 -13.17 -11.41
C ARG B 292 -11.36 -13.47 -11.20
N LEU B 293 -12.11 -12.43 -10.82
CA LEU B 293 -13.53 -12.55 -10.62
C LEU B 293 -14.23 -12.64 -11.96
N THR B 294 -15.18 -13.56 -12.07
CA THR B 294 -16.06 -13.58 -13.23
C THR B 294 -17.49 -13.51 -12.71
N PRO B 295 -18.43 -13.10 -13.57
CA PRO B 295 -19.82 -13.03 -13.15
C PRO B 295 -20.31 -14.36 -12.55
N PHE B 296 -19.91 -15.48 -13.13
CA PHE B 296 -20.34 -16.77 -12.63
C PHE B 296 -19.89 -17.00 -11.19
N TYR B 297 -18.65 -16.65 -10.87
CA TYR B 297 -18.17 -16.88 -9.51
C TYR B 297 -18.81 -15.92 -8.53
N ASN B 298 -19.05 -14.69 -8.96
CA ASN B 298 -19.73 -13.73 -8.10
C ASN B 298 -21.12 -14.24 -7.73
N LEU B 299 -21.83 -14.75 -8.72
CA LEU B 299 -23.15 -15.33 -8.49
C LEU B 299 -23.03 -16.57 -7.60
N THR B 300 -22.09 -17.43 -7.93
CA THR B 300 -22.01 -18.71 -7.25
C THR B 300 -21.58 -18.62 -5.79
N PHE B 301 -20.55 -17.82 -5.49
CA PHE B 301 -19.99 -17.80 -4.14
C PHE B 301 -20.28 -16.51 -3.39
N GLY B 302 -20.61 -15.45 -4.12
CA GLY B 302 -20.79 -14.14 -3.53
C GLY B 302 -21.93 -14.03 -2.52
N SER B 303 -22.91 -14.94 -2.57
CA SER B 303 -24.01 -14.87 -1.62
C SER B 303 -23.58 -15.46 -0.29
N LEU B 304 -22.42 -16.08 -0.26
CA LEU B 304 -21.94 -16.75 0.94
C LEU B 304 -20.99 -15.84 1.69
N SER B 305 -21.08 -15.85 3.02
CA SER B 305 -20.31 -14.93 3.85
C SER B 305 -18.80 -15.08 3.65
N GLY B 306 -18.34 -16.32 3.45
CA GLY B 306 -16.92 -16.59 3.32
C GLY B 306 -16.22 -15.88 2.17
N TRP B 307 -16.97 -15.56 1.11
CA TRP B 307 -16.42 -14.87 -0.04
C TRP B 307 -15.88 -13.49 0.34
N TRP B 308 -16.38 -12.95 1.46
CA TRP B 308 -16.08 -11.58 1.83
C TRP B 308 -15.15 -11.52 3.02
N ALA B 309 -14.45 -12.63 3.25
CA ALA B 309 -13.55 -12.75 4.38
C ALA B 309 -12.41 -11.74 4.35
N GLY B 310 -12.08 -11.22 3.19
CA GLY B 310 -10.92 -10.33 3.08
C GLY B 310 -11.27 -8.86 2.93
N VAL B 311 -12.53 -8.50 3.14
CA VAL B 311 -12.90 -7.11 2.91
C VAL B 311 -12.10 -6.16 3.79
N ASP B 312 -11.81 -6.55 5.03
CA ASP B 312 -11.10 -5.64 5.93
C ASP B 312 -9.67 -5.34 5.46
N GLU B 313 -9.11 -6.18 4.60
CA GLU B 313 -7.78 -5.88 4.12
C GLU B 313 -7.80 -5.48 2.66
N GLY B 314 -8.97 -5.06 2.19
CA GLY B 314 -9.05 -4.47 0.85
C GLY B 314 -9.52 -5.39 -0.25
N ARG B 315 -9.79 -6.65 0.08
CA ARG B 315 -10.32 -7.57 -0.93
C ARG B 315 -11.85 -7.45 -0.86
N THR B 316 -12.36 -6.38 -1.48
CA THR B 316 -13.74 -5.95 -1.27
C THR B 316 -14.64 -6.26 -2.45
N GLU B 317 -14.05 -6.51 -3.61
CA GLU B 317 -14.83 -6.92 -4.78
C GLU B 317 -15.01 -8.44 -4.76
N SER B 318 -14.02 -9.12 -4.20
CA SER B 318 -14.02 -10.57 -4.06
C SER B 318 -12.82 -10.90 -3.19
N PRO B 319 -12.68 -12.17 -2.81
CA PRO B 319 -11.53 -12.57 -1.98
C PRO B 319 -10.30 -12.88 -2.84
N LEU B 320 -10.48 -12.78 -4.15
CA LEU B 320 -9.48 -13.31 -5.09
C LEU B 320 -8.27 -12.40 -5.25
N GLN B 321 -7.18 -13.01 -5.70
CA GLN B 321 -5.96 -12.29 -6.01
C GLN B 321 -5.47 -12.76 -7.38
N SER B 322 -4.86 -11.85 -8.12
CA SER B 322 -4.22 -12.23 -9.38
C SER B 322 -2.94 -13.02 -9.11
N PRO B 323 -2.45 -13.75 -10.12
CA PRO B 323 -1.17 -14.46 -9.98
C PRO B 323 -0.04 -13.51 -9.57
N GLN B 324 -0.03 -12.29 -10.11
CA GLN B 324 0.97 -11.30 -9.73
C GLN B 324 0.84 -10.92 -8.26
N GLN B 325 -0.40 -10.74 -7.79
CA GLN B 325 -0.59 -10.42 -6.39
C GLN B 325 -0.14 -11.60 -5.50
N TRP B 326 -0.48 -12.83 -5.90
CA TRP B 326 0.00 -13.98 -5.14
C TRP B 326 1.53 -14.03 -5.13
N ASN B 327 2.12 -13.74 -6.29
CA ASN B 327 3.58 -13.72 -6.41
C ASN B 327 4.21 -12.80 -5.36
N SER B 328 3.67 -11.58 -5.25
CA SER B 328 4.18 -10.62 -4.27
C SER B 328 3.95 -11.10 -2.86
N LEU B 329 2.75 -11.62 -2.59
CA LEU B 329 2.41 -12.11 -1.26
C LEU B 329 3.35 -13.24 -0.82
N LEU B 330 3.61 -14.16 -1.74
CA LEU B 330 4.51 -15.28 -1.46
C LEU B 330 5.90 -14.79 -1.10
N LYS B 331 6.43 -13.86 -1.89
CA LYS B 331 7.78 -13.35 -1.65
C LYS B 331 7.92 -12.74 -0.29
N GLN B 332 6.83 -12.17 0.22
CA GLN B 332 6.83 -11.47 1.49
C GLN B 332 6.57 -12.35 2.69
N THR B 333 6.24 -13.62 2.45
CA THR B 333 5.87 -14.48 3.56
C THR B 333 6.77 -15.74 3.60
N GLY B 334 7.98 -15.62 3.06
CA GLY B 334 8.98 -16.67 3.20
C GLY B 334 9.04 -17.68 2.06
N PHE B 335 8.42 -17.34 0.94
CA PHE B 335 8.44 -18.20 -0.25
C PHE B 335 9.22 -17.55 -1.38
N SER B 336 9.46 -18.33 -2.42
CA SER B 336 10.22 -17.87 -3.59
C SER B 336 9.40 -17.00 -4.51
N GLY B 337 8.09 -17.00 -4.30
CA GLY B 337 7.16 -16.37 -5.22
C GLY B 337 6.60 -17.42 -6.17
N VAL B 338 5.93 -16.97 -7.23
CA VAL B 338 5.39 -17.92 -8.19
C VAL B 338 6.51 -18.46 -9.07
N ASP B 339 6.91 -19.70 -8.80
CA ASP B 339 7.93 -20.36 -9.60
C ASP B 339 7.37 -20.79 -10.93
N LEU B 340 6.11 -21.20 -10.90
CA LEU B 340 5.47 -21.73 -12.08
C LEU B 340 3.99 -21.44 -12.02
N ALA B 341 3.46 -20.88 -13.09
CA ALA B 341 2.03 -20.64 -13.18
C ALA B 341 1.51 -21.42 -14.36
N ALA B 342 0.51 -22.25 -14.12
CA ALA B 342 -0.16 -22.97 -15.19
C ALA B 342 -1.63 -22.57 -15.23
N TYR B 343 -2.07 -22.04 -16.36
CA TYR B 343 -3.42 -21.50 -16.48
C TYR B 343 -4.38 -22.47 -17.12
N ASP B 344 -5.64 -22.42 -16.69
CA ASP B 344 -6.66 -23.33 -17.18
C ASP B 344 -6.87 -23.13 -18.68
N LEU B 345 -6.88 -21.88 -19.11
CA LEU B 345 -7.08 -21.56 -20.51
C LEU B 345 -6.21 -20.38 -20.94
N PRO B 346 -5.87 -20.32 -22.22
CA PRO B 346 -5.28 -19.11 -22.80
C PRO B 346 -6.41 -18.15 -23.17
N GLY B 347 -6.08 -16.88 -23.34
CA GLY B 347 -7.06 -15.94 -23.84
C GLY B 347 -7.97 -15.37 -22.77
N PRO B 348 -9.00 -14.65 -23.22
CA PRO B 348 -9.88 -13.87 -22.33
C PRO B 348 -10.65 -14.73 -21.32
N GLU B 349 -10.96 -15.99 -21.63
CA GLU B 349 -11.80 -16.77 -20.74
C GLU B 349 -10.99 -17.47 -19.65
N ARG B 350 -9.68 -17.23 -19.63
CA ARG B 350 -8.87 -17.77 -18.55
C ARG B 350 -9.36 -17.29 -17.19
N HIS B 351 -9.44 -18.17 -16.20
CA HIS B 351 -9.92 -17.76 -14.88
C HIS B 351 -9.35 -18.56 -13.71
N SER B 352 -8.56 -19.61 -13.98
CA SER B 352 -7.98 -20.36 -12.87
C SER B 352 -6.56 -20.81 -13.17
N CYS B 353 -5.82 -21.17 -12.13
CA CYS B 353 -4.42 -21.54 -12.29
C CYS B 353 -3.90 -22.41 -11.17
N LEU B 354 -2.79 -23.07 -11.47
CA LEU B 354 -1.96 -23.67 -10.47
C LEU B 354 -0.75 -22.79 -10.33
N LEU B 355 -0.43 -22.41 -9.11
CA LEU B 355 0.78 -21.65 -8.85
C LEU B 355 1.67 -22.49 -7.96
N LEU B 356 2.92 -22.71 -8.37
CA LEU B 356 3.87 -23.44 -7.55
C LEU B 356 4.89 -22.48 -6.96
N SER B 357 5.14 -22.62 -5.66
CA SER B 357 6.09 -21.78 -4.97
C SER B 357 6.95 -22.65 -4.07
N THR B 358 8.14 -22.17 -3.77
CA THR B 358 9.06 -22.92 -2.92
C THR B 358 9.21 -22.23 -1.59
N ALA B 359 9.05 -23.00 -0.51
CA ALA B 359 9.25 -22.44 0.83
C ALA B 359 10.73 -22.23 1.11
N LEU B 360 11.06 -21.04 1.60
CA LEU B 360 12.43 -20.68 1.93
C LEU B 360 12.60 -20.56 3.43
N SER B 361 13.76 -21.00 3.92
CA SER B 361 14.10 -20.76 5.32
C SER B 361 14.13 -19.26 5.61
N ASN B 362 13.52 -18.84 6.71
CA ASN B 362 13.58 -17.44 7.11
C ASN B 362 14.89 -17.11 7.80
N SER B 363 15.64 -18.14 8.18
CA SER B 363 16.96 -17.98 8.80
C SER B 363 18.01 -17.57 7.77
N SER C 12 19.32 28.94 -7.46
CA SER C 12 18.38 28.82 -6.36
C SER C 12 19.08 29.12 -5.04
N LYS C 13 18.31 29.66 -4.10
CA LYS C 13 18.83 30.03 -2.79
C LYS C 13 18.49 28.96 -1.76
N GLN C 14 18.16 27.76 -2.24
CA GLN C 14 17.85 26.64 -1.37
C GLN C 14 18.85 26.48 -0.22
N THR C 15 18.32 26.28 1.00
CA THR C 15 19.17 25.98 2.15
C THR C 15 18.73 24.67 2.82
N VAL C 16 19.69 23.97 3.39
CA VAL C 16 19.45 22.77 4.18
C VAL C 16 20.31 22.85 5.44
N GLY C 17 19.70 22.69 6.60
CA GLY C 17 20.46 22.79 7.84
C GLY C 17 20.99 24.22 8.03
N GLY C 18 20.33 25.18 7.40
CA GLY C 18 20.69 26.58 7.59
C GLY C 18 21.85 27.04 6.73
N VAL C 19 22.32 26.19 5.81
CA VAL C 19 23.37 26.62 4.90
C VAL C 19 22.94 26.43 3.46
N HIS C 20 23.47 27.28 2.58
CA HIS C 20 23.11 27.22 1.17
C HIS C 20 23.75 26.03 0.48
N VAL C 21 22.94 25.20 -0.15
CA VAL C 21 23.44 24.06 -0.89
C VAL C 21 22.41 23.66 -1.93
N THR C 22 22.90 23.25 -3.09
CA THR C 22 22.04 22.83 -4.18
C THR C 22 22.60 21.55 -4.76
N PRO C 23 21.76 20.80 -5.49
CA PRO C 23 22.23 19.59 -6.16
C PRO C 23 23.43 19.87 -7.07
N GLU C 24 23.35 20.97 -7.83
CA GLU C 24 24.41 21.34 -8.77
C GLU C 24 25.73 21.60 -8.05
N MET C 25 25.67 22.25 -6.88
CA MET C 25 26.87 22.49 -6.09
C MET C 25 27.59 21.20 -5.78
N LEU C 26 26.83 20.16 -5.44
CA LEU C 26 27.41 18.89 -5.07
C LEU C 26 27.77 18.08 -6.32
N GLU C 27 26.85 17.98 -7.25
CA GLU C 27 27.06 17.15 -8.44
C GLU C 27 28.20 17.68 -9.33
N SER C 28 28.48 18.97 -9.26
CA SER C 28 29.49 19.58 -10.13
C SER C 28 30.91 19.28 -9.64
N VAL C 29 31.03 18.81 -8.41
CA VAL C 29 32.32 18.46 -7.85
C VAL C 29 33.00 17.36 -8.65
N GLN C 30 34.28 17.55 -8.94
CA GLN C 30 35.05 16.54 -9.64
C GLN C 30 36.07 15.88 -8.72
N ILE C 31 36.12 14.56 -8.72
CA ILE C 31 37.09 13.86 -7.90
C ILE C 31 37.76 12.71 -8.64
N PRO C 32 38.97 12.36 -8.21
CA PRO C 32 39.76 11.23 -8.73
C PRO C 32 39.03 9.90 -8.65
N LEU C 33 39.04 9.17 -9.76
CA LEU C 33 38.41 7.86 -9.86
C LEU C 33 39.37 6.91 -10.53
N GLU C 34 39.32 5.63 -10.17
CA GLU C 34 40.17 4.63 -10.82
C GLU C 34 39.93 4.65 -12.34
N ALA C 35 38.71 5.00 -12.73
CA ALA C 35 38.33 5.12 -14.14
C ALA C 35 39.26 6.08 -14.91
N ASP C 36 39.79 7.06 -14.19
CA ASP C 36 40.72 8.05 -14.74
C ASP C 36 41.96 7.40 -15.35
N LYS C 37 42.54 6.44 -14.64
CA LYS C 37 43.81 5.83 -15.07
C LYS C 37 43.62 5.03 -16.37
N VAL C 38 42.43 4.50 -16.55
CA VAL C 38 42.10 3.73 -17.76
C VAL C 38 41.55 4.61 -18.88
N GLY C 39 41.23 5.85 -18.55
CA GLY C 39 40.80 6.82 -19.55
C GLY C 39 39.33 6.68 -19.85
N MET C 40 38.54 6.35 -18.83
CA MET C 40 37.11 6.23 -19.02
C MET C 40 36.38 7.24 -18.16
N THR C 41 35.19 7.59 -18.62
CA THR C 41 34.28 8.40 -17.83
C THR C 41 33.65 7.45 -16.82
N PRO C 42 33.15 7.99 -15.70
CA PRO C 42 32.52 7.12 -14.70
C PRO C 42 31.41 6.29 -15.33
N ALA C 43 30.56 6.93 -16.13
CA ALA C 43 29.45 6.23 -16.78
C ALA C 43 29.94 5.17 -17.75
N GLU C 44 31.01 5.48 -18.45
CA GLU C 44 31.61 4.55 -19.39
C GLU C 44 32.11 3.30 -18.66
N LYS C 45 32.83 3.51 -17.57
CA LYS C 45 33.32 2.39 -16.77
C LYS C 45 32.17 1.59 -16.18
N SER C 46 31.22 2.31 -15.60
CA SER C 46 30.06 1.68 -14.96
C SER C 46 29.31 0.79 -15.94
N LYS C 47 29.21 1.26 -17.18
CA LYS C 47 28.55 0.50 -18.24
C LYS C 47 29.27 -0.81 -18.52
N LEU C 48 30.59 -0.77 -18.49
CA LEU C 48 31.39 -1.97 -18.72
C LEU C 48 31.34 -2.88 -17.52
N VAL C 49 31.36 -2.30 -16.32
CA VAL C 49 31.28 -3.06 -15.10
C VAL C 49 30.01 -3.90 -15.09
N ASN C 50 28.89 -3.28 -15.43
CA ASN C 50 27.63 -4.00 -15.49
C ASN C 50 27.57 -4.95 -16.67
N ALA C 51 28.21 -4.59 -17.77
CA ALA C 51 28.28 -5.51 -18.92
C ALA C 51 29.11 -6.76 -18.59
N ALA C 52 30.25 -6.57 -17.96
CA ALA C 52 31.10 -7.69 -17.56
C ALA C 52 30.36 -8.55 -16.54
N THR C 53 29.62 -7.89 -15.65
CA THR C 53 28.86 -8.58 -14.64
C THR C 53 27.78 -9.45 -15.26
N ALA C 54 27.10 -8.88 -16.26
CA ALA C 54 26.00 -9.57 -16.91
C ALA C 54 26.46 -10.88 -17.54
N VAL C 55 27.69 -10.88 -18.06
CA VAL C 55 28.23 -12.10 -18.65
C VAL C 55 28.24 -13.22 -17.63
N TYR C 56 28.75 -12.95 -16.44
CA TYR C 56 28.82 -13.98 -15.40
C TYR C 56 27.44 -14.40 -14.91
N ILE C 57 26.53 -13.43 -14.77
CA ILE C 57 25.17 -13.75 -14.39
C ILE C 57 24.54 -14.66 -15.42
N ASP C 58 24.67 -14.30 -16.69
CA ASP C 58 24.12 -15.10 -17.76
C ASP C 58 24.72 -16.52 -17.76
N MET C 59 26.02 -16.62 -17.54
CA MET C 59 26.67 -17.92 -17.48
C MET C 59 26.12 -18.76 -16.35
N ALA C 60 25.97 -18.14 -15.19
CA ALA C 60 25.47 -18.82 -14.00
C ALA C 60 24.04 -19.31 -14.20
N VAL C 61 23.18 -18.45 -14.75
CA VAL C 61 21.78 -18.86 -14.96
C VAL C 61 21.74 -20.01 -15.94
N GLU C 62 22.53 -19.90 -17.00
CA GLU C 62 22.62 -20.96 -18.00
C GLU C 62 23.11 -22.26 -17.38
N GLU C 63 24.13 -22.17 -16.53
CA GLU C 63 24.68 -23.38 -15.93
C GLU C 63 23.69 -24.04 -14.98
N MET C 64 23.06 -23.24 -14.12
CA MET C 64 22.05 -23.77 -13.19
C MET C 64 20.97 -24.54 -13.95
N ARG C 65 20.47 -23.94 -15.03
CA ARG C 65 19.38 -24.54 -15.77
C ARG C 65 19.81 -25.79 -16.54
N SER C 66 20.93 -25.72 -17.26
CA SER C 66 21.39 -26.88 -18.01
C SER C 66 21.71 -28.06 -17.08
N ARG C 67 22.21 -27.78 -15.89
CA ARG C 67 22.57 -28.87 -14.97
C ARG C 67 21.40 -29.26 -14.07
N GLY C 68 20.27 -28.59 -14.21
CA GLY C 68 19.11 -28.92 -13.40
C GLY C 68 19.28 -28.65 -11.93
N LEU C 69 20.01 -27.59 -11.60
CA LEU C 69 20.31 -27.27 -10.20
C LEU C 69 19.30 -26.27 -9.64
N ALA C 70 19.13 -26.31 -8.33
CA ALA C 70 18.33 -25.31 -7.62
C ALA C 70 19.13 -24.81 -6.45
N PRO C 71 18.92 -23.53 -6.07
CA PRO C 71 19.68 -22.98 -4.95
C PRO C 71 19.26 -23.60 -3.64
N LYS C 72 20.10 -23.48 -2.61
CA LYS C 72 19.69 -23.78 -1.25
C LYS C 72 18.43 -22.97 -0.97
N ALA C 73 17.48 -23.56 -0.26
CA ALA C 73 16.17 -22.94 -0.08
C ALA C 73 16.18 -21.91 1.04
N ASP C 74 16.89 -20.81 0.81
CA ASP C 74 16.84 -19.68 1.75
C ASP C 74 16.84 -18.39 0.97
N TYR C 75 17.35 -17.33 1.57
CA TYR C 75 17.30 -16.01 0.93
C TYR C 75 17.94 -16.00 -0.45
N ARG C 76 18.90 -16.88 -0.68
CA ARG C 76 19.62 -16.81 -1.95
C ARG C 76 18.69 -17.17 -3.12
N VAL C 77 17.57 -17.83 -2.84
CA VAL C 77 16.60 -18.08 -3.89
C VAL C 77 16.04 -16.74 -4.41
N HIS C 78 15.93 -15.74 -3.54
CA HIS C 78 15.55 -14.40 -4.01
C HIS C 78 16.56 -13.85 -5.01
N TRP C 79 17.83 -14.06 -4.70
CA TRP C 79 18.93 -13.66 -5.55
C TRP C 79 18.85 -14.36 -6.90
N TRP C 80 18.62 -15.67 -6.86
CA TRP C 80 18.45 -16.48 -8.05
C TRP C 80 17.32 -15.94 -8.93
N LYS C 81 16.19 -15.61 -8.34
CA LYS C 81 15.05 -15.08 -9.09
C LYS C 81 15.42 -13.77 -9.80
N VAL C 82 16.15 -12.91 -9.12
CA VAL C 82 16.54 -11.63 -9.73
C VAL C 82 17.47 -11.87 -10.90
N MET C 83 18.41 -12.79 -10.75
CA MET C 83 19.33 -13.08 -11.85
C MET C 83 18.60 -13.71 -13.03
N GLN C 84 17.67 -14.61 -12.74
CA GLN C 84 16.85 -15.22 -13.78
C GLN C 84 16.06 -14.17 -14.53
N ASP C 85 15.40 -13.31 -13.78
CA ASP C 85 14.59 -12.24 -14.38
C ASP C 85 15.46 -11.33 -15.23
N PHE C 86 16.66 -11.07 -14.73
CA PHE C 86 17.61 -10.23 -15.46
C PHE C 86 17.91 -10.83 -16.83
N VAL C 87 17.98 -12.16 -16.89
CA VAL C 87 18.27 -12.86 -18.13
C VAL C 87 17.01 -13.02 -18.99
N ASP C 88 15.94 -13.53 -18.38
CA ASP C 88 14.71 -13.80 -19.11
C ASP C 88 14.01 -12.54 -19.63
N SER C 89 14.21 -11.41 -18.95
CA SER C 89 13.53 -10.17 -19.32
C SER C 89 14.13 -9.61 -20.59
N GLY C 90 15.27 -10.15 -20.97
CA GLY C 90 15.98 -9.64 -22.12
C GLY C 90 16.92 -8.52 -21.73
N GLU C 91 16.84 -8.10 -20.47
CA GLU C 91 17.72 -7.05 -19.97
C GLU C 91 19.16 -7.50 -20.09
N GLY C 92 19.37 -8.80 -19.90
CA GLY C 92 20.70 -9.38 -20.05
C GLY C 92 21.20 -9.23 -21.48
N GLN C 93 20.39 -9.64 -22.45
CA GLN C 93 20.78 -9.56 -23.86
C GLN C 93 21.05 -8.13 -24.26
N ARG C 94 20.16 -7.22 -23.88
CA ARG C 94 20.30 -5.81 -24.21
C ARG C 94 21.63 -5.24 -23.74
N VAL C 95 22.06 -5.63 -22.54
CA VAL C 95 23.37 -5.21 -22.05
C VAL C 95 24.49 -5.97 -22.76
N LEU C 96 24.23 -7.23 -23.09
CA LEU C 96 25.20 -8.05 -23.81
C LEU C 96 25.32 -7.65 -25.28
N GLN C 97 24.20 -7.21 -25.86
CA GLN C 97 24.18 -6.81 -27.26
C GLN C 97 24.99 -5.53 -27.46
N GLU C 98 24.76 -4.52 -26.63
CA GLU C 98 25.54 -3.30 -26.69
C GLU C 98 27.00 -3.57 -26.33
N LEU C 101 31.25 -10.50 -24.66
CA LEU C 101 32.03 -10.56 -25.89
C LEU C 101 33.15 -11.59 -25.73
N THR C 102 34.32 -11.39 -26.35
CA THR C 102 35.37 -12.39 -26.19
C THR C 102 35.94 -12.47 -24.78
N ASN C 103 36.31 -13.69 -24.39
CA ASN C 103 36.82 -13.98 -23.05
C ASN C 103 38.19 -13.38 -22.84
N GLN C 104 38.88 -13.09 -23.95
CA GLN C 104 40.09 -12.30 -23.88
C GLN C 104 39.69 -10.88 -23.55
N GLU C 105 38.73 -10.36 -24.31
CA GLU C 105 38.22 -9.01 -24.07
C GLU C 105 37.63 -8.93 -22.68
N LEU C 106 36.94 -10.00 -22.28
CA LEU C 106 36.28 -10.01 -20.98
C LEU C 106 37.34 -9.88 -19.90
N GLU C 107 38.37 -10.71 -19.97
CA GLU C 107 39.43 -10.62 -18.97
C GLU C 107 40.24 -9.35 -19.23
N ARG C 108 40.32 -8.93 -20.49
CA ARG C 108 41.01 -7.69 -20.82
C ARG C 108 40.26 -6.50 -20.22
N VAL C 109 38.93 -6.51 -20.36
CA VAL C 109 38.11 -5.44 -19.79
C VAL C 109 38.22 -5.43 -18.28
N ILE C 110 38.12 -6.60 -17.67
CA ILE C 110 38.10 -6.72 -16.22
C ILE C 110 39.35 -6.19 -15.56
N ALA C 111 40.50 -6.41 -16.21
CA ALA C 111 41.78 -5.93 -15.71
C ALA C 111 41.78 -4.40 -15.65
N LYS C 112 40.99 -3.78 -16.52
CA LYS C 112 40.88 -2.32 -16.54
C LYS C 112 39.85 -1.76 -15.56
N LEU C 113 39.05 -2.62 -14.94
CA LEU C 113 37.93 -2.15 -14.12
C LEU C 113 38.22 -2.01 -12.63
N GLY C 114 39.49 -2.06 -12.25
CA GLY C 114 39.91 -1.84 -10.88
C GLY C 114 39.19 -2.71 -9.85
N ILE C 115 38.73 -2.08 -8.77
CA ILE C 115 38.09 -2.81 -7.67
C ILE C 115 36.85 -3.56 -8.15
N GLU C 116 36.04 -2.91 -8.96
CA GLU C 116 34.85 -3.55 -9.48
C GLU C 116 35.24 -4.80 -10.27
N GLY C 117 36.27 -4.67 -11.09
CA GLY C 117 36.78 -5.82 -11.83
C GLY C 117 37.24 -6.97 -10.94
N GLU C 118 37.90 -6.64 -9.83
CA GLU C 118 38.29 -7.67 -8.87
C GLU C 118 37.10 -8.41 -8.29
N VAL C 119 36.03 -7.67 -7.98
CA VAL C 119 34.85 -8.28 -7.42
C VAL C 119 34.20 -9.22 -8.42
N ILE C 120 34.10 -8.75 -9.66
CA ILE C 120 33.53 -9.57 -10.72
C ILE C 120 34.35 -10.84 -10.95
N ALA C 121 35.67 -10.65 -10.98
CA ALA C 121 36.56 -11.77 -11.25
C ALA C 121 36.50 -12.79 -10.13
N ARG C 122 36.30 -12.32 -8.90
CA ARG C 122 36.22 -13.25 -7.77
C ARG C 122 34.84 -13.90 -7.63
N MET C 123 33.80 -13.08 -7.67
CA MET C 123 32.45 -13.53 -7.32
C MET C 123 31.69 -14.13 -8.52
N GLY C 124 31.94 -13.58 -9.70
CA GLY C 124 31.25 -14.04 -10.90
C GLY C 124 31.31 -15.53 -11.11
N PRO C 125 32.52 -16.10 -11.09
CA PRO C 125 32.62 -17.56 -11.27
C PRO C 125 32.11 -18.36 -10.08
N GLU C 126 31.78 -17.71 -8.97
CA GLU C 126 31.33 -18.44 -7.78
C GLU C 126 29.81 -18.39 -7.57
N ILE C 127 29.08 -17.81 -8.52
CA ILE C 127 27.64 -17.67 -8.37
C ILE C 127 26.94 -19.02 -8.17
N VAL C 128 27.24 -19.98 -9.04
CA VAL C 128 26.63 -21.30 -8.89
C VAL C 128 27.01 -21.93 -7.56
N ASN C 129 28.27 -21.84 -7.18
CA ASN C 129 28.72 -22.38 -5.90
C ASN C 129 28.03 -21.73 -4.72
N ILE C 130 27.82 -20.41 -4.80
CA ILE C 130 27.11 -19.73 -3.72
C ILE C 130 25.66 -20.21 -3.67
N LEU C 131 25.01 -20.22 -4.83
CA LEU C 131 23.61 -20.66 -4.92
C LEU C 131 23.44 -22.05 -4.34
N THR C 132 24.40 -22.93 -4.61
CA THR C 132 24.28 -24.34 -4.20
C THR C 132 24.97 -24.66 -2.87
N GLY C 133 25.48 -23.65 -2.18
CA GLY C 133 26.00 -23.86 -0.84
C GLY C 133 27.43 -24.39 -0.77
N LYS C 134 28.16 -24.33 -1.88
CA LYS C 134 29.56 -24.76 -1.91
C LYS C 134 30.53 -23.63 -1.55
N THR C 135 30.07 -22.39 -1.66
CA THR C 135 30.91 -21.26 -1.31
C THR C 135 30.18 -20.35 -0.36
N HIS C 136 30.86 -19.93 0.70
CA HIS C 136 30.33 -18.97 1.65
C HIS C 136 30.57 -17.56 1.13
N ALA C 137 29.52 -16.93 0.62
CA ALA C 137 29.67 -15.66 -0.07
C ALA C 137 30.35 -14.60 0.77
N LEU C 138 29.92 -14.45 2.02
CA LEU C 138 30.46 -13.37 2.86
C LEU C 138 31.95 -13.58 3.10
N ALA C 139 32.32 -14.77 3.57
CA ALA C 139 33.73 -15.07 3.79
C ALA C 139 34.48 -14.89 2.49
N HIS C 140 33.86 -15.27 1.38
CA HIS C 140 34.55 -15.25 0.10
C HIS C 140 34.88 -13.82 -0.30
N ILE C 141 33.90 -12.93 -0.24
CA ILE C 141 34.12 -11.56 -0.68
C ILE C 141 34.90 -10.77 0.35
N MET C 142 34.90 -11.23 1.58
CA MET C 142 35.59 -10.51 2.64
C MET C 142 37.12 -10.65 2.57
N ARG C 143 37.60 -11.72 1.94
CA ARG C 143 39.03 -11.98 1.90
C ARG C 143 39.81 -10.86 1.21
N ASP C 144 40.96 -10.53 1.78
CA ASP C 144 41.79 -9.44 1.25
C ASP C 144 41.04 -8.11 1.38
N ASP C 145 40.09 -8.06 2.30
CA ASP C 145 39.29 -6.87 2.56
C ASP C 145 38.60 -6.37 1.32
N LEU C 146 38.32 -7.27 0.37
CA LEU C 146 37.74 -6.87 -0.90
C LEU C 146 36.39 -6.19 -0.71
N LEU C 147 35.56 -6.73 0.17
CA LEU C 147 34.25 -6.11 0.44
C LEU C 147 34.43 -4.68 0.92
N PHE C 148 35.35 -4.47 1.84
CA PHE C 148 35.60 -3.12 2.35
C PHE C 148 36.10 -2.19 1.25
N ARG C 149 36.84 -2.72 0.28
CA ARG C 149 37.34 -1.86 -0.78
C ARG C 149 36.25 -1.55 -1.82
N VAL C 150 35.21 -2.37 -1.86
CA VAL C 150 34.08 -2.10 -2.75
C VAL C 150 33.47 -0.76 -2.37
N TYR C 151 33.47 -0.49 -1.07
CA TYR C 151 32.90 0.74 -0.56
C TYR C 151 33.74 1.94 -0.98
N LEU C 152 35.02 1.70 -1.23
CA LEU C 152 35.97 2.70 -1.71
C LEU C 152 35.98 2.89 -3.24
N SER C 153 35.31 1.99 -3.96
CA SER C 153 35.40 1.96 -5.42
C SER C 153 34.71 3.13 -6.10
N ASP C 154 34.96 3.28 -7.40
CA ASP C 154 34.36 4.34 -8.19
C ASP C 154 32.83 4.29 -8.12
N GLU C 155 32.29 3.09 -7.91
CA GLU C 155 30.85 2.89 -7.84
C GLU C 155 30.16 3.70 -6.74
N GLY C 156 30.84 3.90 -5.61
CA GLY C 156 30.22 4.59 -4.48
C GLY C 156 30.95 5.82 -4.01
N ARG C 157 32.01 6.19 -4.71
CA ARG C 157 32.87 7.30 -4.27
C ARG C 157 32.20 8.68 -4.30
N ARG C 158 31.50 8.96 -5.40
CA ARG C 158 30.92 10.28 -5.60
C ARG C 158 29.85 10.65 -4.54
N ALA C 159 28.93 9.74 -4.26
CA ALA C 159 27.90 10.00 -3.26
C ALA C 159 28.51 10.22 -1.87
N ASN C 160 29.53 9.45 -1.53
CA ASN C 160 30.25 9.68 -0.27
C ASN C 160 30.91 11.04 -0.27
N ARG C 161 31.43 11.47 -1.41
CA ARG C 161 32.02 12.80 -1.50
C ARG C 161 30.96 13.87 -1.34
N TYR C 162 29.77 13.63 -1.89
CA TYR C 162 28.67 14.58 -1.73
C TYR C 162 28.40 14.80 -0.24
N MET C 163 28.32 13.71 0.51
CA MET C 163 28.06 13.79 1.94
C MET C 163 29.13 14.64 2.62
N ALA C 164 30.39 14.39 2.28
CA ALA C 164 31.49 15.15 2.87
C ALA C 164 31.35 16.63 2.50
N GLU C 165 31.01 16.91 1.25
CA GLU C 165 30.87 18.30 0.80
C GLU C 165 29.77 18.99 1.59
N TYR C 166 28.65 18.30 1.80
CA TYR C 166 27.59 18.93 2.58
C TYR C 166 28.05 19.14 4.02
N ALA C 167 28.68 18.13 4.60
CA ALA C 167 29.18 18.27 5.96
C ALA C 167 30.17 19.44 6.08
N ARG C 168 30.99 19.66 5.05
CA ARG C 168 31.91 20.78 5.09
C ARG C 168 31.16 22.10 5.11
N LEU C 169 30.20 22.25 4.21
CA LEU C 169 29.38 23.46 4.18
C LEU C 169 28.76 23.71 5.54
N LEU C 170 28.26 22.65 6.16
CA LEU C 170 27.56 22.77 7.44
C LEU C 170 28.51 23.14 8.57
N THR C 171 29.60 22.40 8.71
CA THR C 171 30.47 22.59 9.87
C THR C 171 31.31 23.85 9.73
N SER C 172 31.49 24.32 8.50
CA SER C 172 32.29 25.51 8.27
C SER C 172 31.46 26.77 8.56
N GLN C 173 30.14 26.68 8.37
CA GLN C 173 29.28 27.86 8.53
C GLN C 173 28.56 27.82 9.87
N ARG C 174 28.45 26.64 10.46
CA ARG C 174 27.82 26.52 11.77
C ARG C 174 28.77 25.84 12.73
N ARG C 175 28.81 26.34 13.96
CA ARG C 175 29.76 25.82 14.92
C ARG C 175 29.06 25.00 15.98
N ASP C 176 29.83 24.16 16.67
CA ASP C 176 29.33 23.32 17.74
C ASP C 176 28.25 22.36 17.24
N ILE C 177 28.34 22.03 15.96
CA ILE C 177 27.50 20.99 15.37
C ILE C 177 27.81 19.64 15.99
N ARG C 178 26.77 18.87 16.29
CA ARG C 178 26.94 17.51 16.78
C ARG C 178 26.55 16.55 15.68
N ILE C 179 27.49 15.68 15.31
CA ILE C 179 27.32 14.73 14.21
C ILE C 179 27.34 13.30 14.72
N LEU C 180 26.45 12.46 14.21
CA LEU C 180 26.53 11.04 14.46
C LEU C 180 26.49 10.30 13.14
N GLU C 181 27.41 9.36 12.96
CA GLU C 181 27.40 8.52 11.77
C GLU C 181 26.93 7.11 12.10
N ILE C 182 25.94 6.66 11.34
CA ILE C 182 25.37 5.33 11.43
C ILE C 182 26.06 4.40 10.43
N GLY C 183 26.30 3.15 10.83
CA GLY C 183 26.96 2.18 9.97
C GLY C 183 28.24 2.70 9.36
N ALA C 184 29.08 3.31 10.18
CA ALA C 184 30.33 3.90 9.68
C ALA C 184 31.29 2.82 9.17
N GLY C 185 31.14 1.61 9.67
CA GLY C 185 31.99 0.50 9.25
C GLY C 185 33.47 0.80 9.44
N THR C 186 34.26 0.60 8.39
CA THR C 186 35.70 0.85 8.46
C THR C 186 36.02 2.31 8.19
N GLY C 187 34.98 3.12 8.00
CA GLY C 187 35.15 4.55 7.89
C GLY C 187 35.37 5.10 6.49
N GLY C 188 34.85 4.42 5.48
CA GLY C 188 34.99 4.93 4.12
C GLY C 188 34.38 6.31 3.97
N THR C 189 33.15 6.46 4.46
CA THR C 189 32.47 7.73 4.42
C THR C 189 33.12 8.73 5.36
N THR C 190 33.43 8.26 6.56
CA THR C 190 34.01 9.09 7.60
C THR C 190 35.29 9.78 7.12
N SER C 191 36.13 8.99 6.44
CA SER C 191 37.39 9.49 5.95
C SER C 191 37.17 10.63 4.96
N GLU C 192 36.17 10.48 4.09
CA GLU C 192 35.87 11.55 3.14
C GLU C 192 35.43 12.80 3.87
N VAL C 193 34.55 12.61 4.85
CA VAL C 193 33.98 13.71 5.60
C VAL C 193 35.05 14.51 6.34
N LEU C 194 35.87 13.79 7.09
CA LEU C 194 36.90 14.39 7.93
C LEU C 194 37.96 15.11 7.10
N ASN C 195 38.35 14.51 5.97
CA ASN C 195 39.32 15.11 5.09
C ASN C 195 38.83 16.45 4.55
N LEU C 196 37.52 16.60 4.37
CA LEU C 196 36.99 17.87 3.89
C LEU C 196 36.73 18.84 5.04
N CYS C 197 36.16 18.33 6.15
CA CYS C 197 35.79 19.18 7.28
C CYS C 197 36.98 19.56 8.14
N SER C 198 38.02 18.73 8.11
CA SER C 198 39.18 18.90 8.96
C SER C 198 40.44 18.47 8.21
N PRO C 199 40.79 19.20 7.14
CA PRO C 199 41.93 18.82 6.31
C PRO C 199 43.24 18.78 7.09
N ASN C 200 43.28 19.45 8.24
CA ASN C 200 44.51 19.49 9.03
C ASN C 200 44.34 18.91 10.42
N GLY C 201 43.24 18.20 10.65
CA GLY C 201 43.01 17.57 11.93
C GLY C 201 42.48 18.54 12.97
N GLU C 202 42.17 19.76 12.55
CA GLU C 202 41.66 20.76 13.47
C GLU C 202 40.23 20.43 13.92
N SER C 203 39.87 20.91 15.11
CA SER C 203 38.50 20.75 15.58
C SER C 203 37.56 21.44 14.61
N PHE C 204 36.40 20.83 14.35
CA PHE C 204 35.46 21.36 13.36
C PHE C 204 34.01 21.24 13.82
N CYS C 205 33.81 20.57 14.94
CA CYS C 205 32.46 20.38 15.45
C CYS C 205 32.48 20.07 16.92
N ALA C 206 31.31 20.04 17.54
CA ALA C 206 31.20 19.78 18.99
C ALA C 206 31.23 18.28 19.29
N GLU C 207 30.91 17.47 18.29
CA GLU C 207 30.89 16.02 18.48
C GLU C 207 30.84 15.31 17.14
N TYR C 208 31.66 14.28 16.99
CA TYR C 208 31.48 13.34 15.90
C TYR C 208 31.42 11.95 16.50
N MET C 209 30.20 11.45 16.62
CA MET C 209 29.93 10.15 17.17
C MET C 209 29.98 9.07 16.06
N TYR C 210 31.07 8.31 16.07
CA TYR C 210 31.30 7.23 15.14
C TYR C 210 30.62 5.96 15.62
N THR C 211 29.63 5.46 14.88
CA THR C 211 28.90 4.27 15.32
C THR C 211 28.80 3.23 14.24
N ASP C 212 28.57 2.01 14.68
CA ASP C 212 28.27 0.91 13.77
C ASP C 212 27.54 -0.13 14.56
N LEU C 213 26.87 -1.03 13.86
CA LEU C 213 26.24 -2.19 14.47
C LEU C 213 27.29 -3.01 15.22
N SER C 214 28.51 -3.02 14.68
CA SER C 214 29.57 -3.86 15.24
C SER C 214 30.74 -3.05 15.82
N PRO C 215 31.10 -3.31 17.08
CA PRO C 215 32.25 -2.64 17.69
C PRO C 215 33.58 -3.13 17.10
N GLY C 216 33.53 -4.22 16.35
CA GLY C 216 34.72 -4.80 15.75
C GLY C 216 35.47 -3.85 14.84
N PHE C 217 34.77 -2.84 14.32
CA PHE C 217 35.38 -1.88 13.42
C PHE C 217 36.22 -0.83 14.15
N PHE C 218 35.92 -0.60 15.43
CA PHE C 218 36.41 0.59 16.10
C PHE C 218 37.94 0.64 16.23
N ASN C 219 38.57 -0.50 16.52
CA ASN C 219 40.02 -0.50 16.70
C ASN C 219 40.73 -0.02 15.43
N ALA C 220 40.40 -0.62 14.29
CA ALA C 220 41.02 -0.24 13.03
C ALA C 220 40.61 1.17 12.60
N ALA C 221 39.38 1.57 12.93
CA ALA C 221 38.92 2.91 12.60
C ALA C 221 39.77 3.96 13.33
N LYS C 222 40.02 3.74 14.62
CA LYS C 222 40.84 4.67 15.40
C LYS C 222 42.22 4.85 14.76
N THR C 223 42.79 3.76 14.28
CA THR C 223 44.08 3.81 13.61
C THR C 223 43.97 4.53 12.28
N THR C 224 43.02 4.08 11.46
CA THR C 224 42.78 4.70 10.16
C THR C 224 42.52 6.20 10.27
N LEU C 225 41.78 6.60 11.30
CA LEU C 225 41.38 7.99 11.45
C LEU C 225 42.18 8.70 12.54
N LYS C 226 43.40 8.21 12.77
CA LYS C 226 44.28 8.74 13.80
C LYS C 226 44.39 10.26 13.73
N LYS C 227 44.45 10.79 12.52
CA LYS C 227 44.55 12.24 12.32
C LYS C 227 43.43 13.01 13.00
N TRP C 228 42.31 12.33 13.28
CA TRP C 228 41.16 13.01 13.86
C TRP C 228 40.69 12.39 15.17
N GLU C 229 41.48 11.49 15.75
CA GLU C 229 41.03 10.69 16.88
C GLU C 229 40.52 11.50 18.07
N SER C 230 41.17 12.62 18.36
CA SER C 230 40.76 13.44 19.50
C SER C 230 39.39 14.09 19.28
N HIS C 231 38.91 14.06 18.04
CA HIS C 231 37.65 14.69 17.70
C HIS C 231 36.53 13.66 17.57
N LEU C 232 36.88 12.38 17.69
CA LEU C 232 35.93 11.29 17.48
C LEU C 232 35.55 10.56 18.75
N ALA C 233 34.28 10.17 18.84
CA ALA C 233 33.81 9.25 19.84
C ALA C 233 33.33 7.99 19.13
N PHE C 234 33.44 6.84 19.79
CA PHE C 234 33.06 5.57 19.19
C PHE C 234 32.06 4.84 20.06
N GLN C 235 30.94 4.44 19.47
CA GLN C 235 29.92 3.75 20.25
C GLN C 235 29.06 2.89 19.36
N VAL C 236 28.73 1.71 19.84
CA VAL C 236 27.86 0.83 19.08
C VAL C 236 26.45 1.39 18.96
N LEU C 237 25.89 1.26 17.76
CA LEU C 237 24.51 1.65 17.51
C LEU C 237 23.91 0.70 16.51
N ASN C 238 22.89 -0.03 16.95
CA ASN C 238 22.06 -0.79 16.05
C ASN C 238 20.83 0.06 15.75
N ILE C 239 20.74 0.60 14.54
CA ILE C 239 19.69 1.59 14.27
C ILE C 239 18.31 0.95 14.19
N GLU C 240 18.26 -0.38 14.17
CA GLU C 240 16.96 -1.06 14.20
C GLU C 240 16.38 -1.06 15.62
N ASP C 241 17.22 -0.70 16.60
CA ASP C 241 16.77 -0.67 17.99
C ASP C 241 16.74 0.75 18.52
N ASP C 242 15.98 0.94 19.60
CA ASP C 242 15.86 2.25 20.22
C ASP C 242 17.21 2.84 20.60
N PRO C 243 17.51 4.04 20.08
CA PRO C 243 18.83 4.61 20.38
C PRO C 243 19.09 4.91 21.87
N ALA C 244 18.06 5.38 22.59
CA ALA C 244 18.24 5.74 23.99
C ALA C 244 18.72 4.53 24.80
N GLY C 245 18.10 3.38 24.55
CA GLY C 245 18.49 2.16 25.23
C GLY C 245 19.91 1.72 24.91
N GLN C 246 20.53 2.35 23.92
CA GLN C 246 21.90 2.01 23.53
C GLN C 246 22.88 3.09 23.99
N GLY C 247 22.41 3.95 24.88
CA GLY C 247 23.28 4.94 25.50
C GLY C 247 23.41 6.23 24.72
N PHE C 248 22.47 6.52 23.83
CA PHE C 248 22.56 7.78 23.10
C PHE C 248 21.56 8.77 23.64
N LYS C 249 21.92 10.06 23.54
CA LYS C 249 21.06 11.12 24.01
C LYS C 249 20.12 11.59 22.90
N GLU C 250 18.85 11.33 23.07
CA GLU C 250 17.84 11.65 22.06
C GLU C 250 17.84 13.12 21.68
N HIS C 251 17.56 13.37 20.40
CA HIS C 251 17.35 14.71 19.92
C HIS C 251 18.50 15.68 20.22
N THR C 252 19.74 15.19 20.14
CA THR C 252 20.87 16.05 20.42
C THR C 252 21.74 16.30 19.18
N TYR C 253 21.49 15.58 18.11
CA TYR C 253 22.37 15.69 16.95
C TYR C 253 21.84 16.66 15.90
N ASP C 254 22.77 17.40 15.29
CA ASP C 254 22.43 18.33 14.23
C ASP C 254 22.52 17.68 12.87
N LEU C 255 23.34 16.64 12.77
CA LEU C 255 23.55 15.94 11.53
C LEU C 255 23.71 14.46 11.79
N ILE C 256 22.97 13.66 11.06
CA ILE C 256 23.20 12.23 11.06
C ILE C 256 23.64 11.82 9.68
N ILE C 257 24.75 11.10 9.62
CA ILE C 257 25.30 10.57 8.39
C ILE C 257 25.02 9.08 8.34
N ALA C 258 24.38 8.63 7.28
CA ALA C 258 24.06 7.22 7.14
C ALA C 258 24.27 6.80 5.69
N ALA C 259 25.46 6.28 5.41
CA ALA C 259 25.83 5.94 4.05
C ALA C 259 25.77 4.45 3.83
N ASN C 260 24.90 4.04 2.92
CA ASN C 260 24.86 2.64 2.50
C ASN C 260 24.56 1.69 3.66
N VAL C 261 23.71 2.12 4.57
CA VAL C 261 23.37 1.30 5.73
C VAL C 261 21.88 1.18 5.97
N ILE C 262 21.13 2.27 5.78
CA ILE C 262 19.71 2.29 6.16
C ILE C 262 18.92 1.19 5.45
N HIS C 263 19.22 0.93 4.17
CA HIS C 263 18.48 -0.09 3.43
C HIS C 263 18.73 -1.49 4.00
N ALA C 264 19.85 -1.64 4.70
CA ALA C 264 20.21 -2.96 5.20
C ALA C 264 19.46 -3.33 6.48
N THR C 265 18.43 -2.57 6.81
CA THR C 265 17.62 -2.87 7.99
C THR C 265 16.33 -3.54 7.53
N ALA C 266 15.60 -4.15 8.46
CA ALA C 266 14.42 -4.95 8.12
C ALA C 266 13.18 -4.12 7.82
N ARG C 267 12.95 -3.07 8.60
CA ARG C 267 11.74 -2.28 8.45
C ARG C 267 12.07 -0.82 8.35
N LEU C 268 12.04 -0.27 7.14
CA LEU C 268 12.53 1.09 6.91
C LEU C 268 11.84 2.14 7.78
N THR C 269 10.53 2.05 7.95
CA THR C 269 9.86 3.07 8.76
C THR C 269 10.35 3.00 10.20
N ASN C 270 10.60 1.80 10.70
CA ASN C 270 11.13 1.66 12.05
C ASN C 270 12.52 2.25 12.18
N THR C 271 13.37 1.95 11.21
CA THR C 271 14.72 2.49 11.18
C THR C 271 14.69 4.02 11.14
N LEU C 272 13.86 4.55 10.25
CA LEU C 272 13.79 6.00 10.10
C LEU C 272 13.24 6.64 11.37
N SER C 273 12.33 5.97 12.05
CA SER C 273 11.80 6.49 13.32
C SER C 273 12.91 6.56 14.37
N ASN C 274 13.81 5.59 14.34
CA ASN C 274 14.94 5.60 15.27
C ASN C 274 15.96 6.68 14.95
N VAL C 275 16.20 6.92 13.65
CA VAL C 275 17.06 8.02 13.25
C VAL C 275 16.46 9.31 13.78
N HIS C 276 15.14 9.40 13.69
CA HIS C 276 14.42 10.61 14.09
C HIS C 276 14.64 10.90 15.58
N LYS C 277 14.78 9.85 16.38
CA LYS C 277 14.94 10.04 17.82
C LYS C 277 16.28 10.70 18.19
N LEU C 278 17.25 10.61 17.29
CA LEU C 278 18.58 11.15 17.57
C LEU C 278 18.74 12.61 17.18
N LEU C 279 17.94 13.05 16.22
CA LEU C 279 18.09 14.39 15.67
C LEU C 279 17.33 15.46 16.45
N LYS C 280 17.94 16.62 16.59
CA LYS C 280 17.21 17.80 17.02
C LYS C 280 16.17 18.10 15.96
N PRO C 281 15.00 18.64 16.36
CA PRO C 281 14.15 19.18 15.30
C PRO C 281 14.96 20.19 14.51
N GLY C 282 14.90 20.10 13.19
CA GLY C 282 15.70 20.94 12.34
C GLY C 282 17.04 20.31 12.02
N GLY C 283 17.37 19.22 12.71
CA GLY C 283 18.58 18.48 12.41
C GLY C 283 18.51 17.85 11.03
N VAL C 284 19.66 17.62 10.41
CA VAL C 284 19.68 17.11 9.05
C VAL C 284 20.03 15.62 9.01
N PHE C 285 19.28 14.90 8.19
CA PHE C 285 19.55 13.49 7.96
C PHE C 285 20.23 13.37 6.61
N GLY C 286 21.48 12.94 6.62
CA GLY C 286 22.26 12.75 5.40
C GLY C 286 22.24 11.28 5.02
N LEU C 287 21.50 10.95 3.98
CA LEU C 287 21.29 9.58 3.58
C LEU C 287 22.01 9.30 2.27
N VAL C 288 23.04 8.45 2.31
CA VAL C 288 23.70 8.05 1.09
C VAL C 288 23.20 6.67 0.74
N GLU C 289 22.60 6.56 -0.44
CA GLU C 289 21.94 5.33 -0.86
C GLU C 289 22.09 5.08 -2.35
N LEU C 290 22.03 3.81 -2.73
CA LEU C 290 21.87 3.45 -4.13
C LEU C 290 20.48 3.85 -4.60
N THR C 291 20.34 4.30 -5.83
CA THR C 291 19.03 4.72 -6.35
C THR C 291 18.25 3.57 -6.95
N ARG C 292 18.95 2.53 -7.37
CA ARG C 292 18.30 1.43 -8.05
C ARG C 292 19.25 0.26 -8.11
N LEU C 293 18.70 -0.91 -8.35
CA LEU C 293 19.49 -2.10 -8.48
C LEU C 293 20.20 -2.06 -9.82
N THR C 294 21.49 -2.39 -9.82
CA THR C 294 22.22 -2.63 -11.06
C THR C 294 22.84 -4.03 -11.00
N PRO C 295 23.18 -4.60 -12.16
CA PRO C 295 23.80 -5.93 -12.18
C PRO C 295 25.01 -6.02 -11.26
N PHE C 296 25.87 -5.01 -11.23
CA PHE C 296 27.05 -5.08 -10.37
C PHE C 296 26.68 -5.25 -8.91
N TYR C 297 25.70 -4.49 -8.44
CA TYR C 297 25.31 -4.60 -7.04
C TYR C 297 24.58 -5.90 -6.75
N ASN C 298 23.81 -6.36 -7.73
CA ASN C 298 23.12 -7.62 -7.55
C ASN C 298 24.13 -8.74 -7.37
N LEU C 299 25.18 -8.72 -8.17
CA LEU C 299 26.26 -9.72 -8.05
C LEU C 299 27.03 -9.56 -6.74
N THR C 300 27.41 -8.32 -6.44
CA THR C 300 28.29 -8.02 -5.32
C THR C 300 27.64 -8.23 -3.95
N PHE C 301 26.41 -7.74 -3.78
CA PHE C 301 25.77 -7.79 -2.46
C PHE C 301 24.62 -8.77 -2.42
N GLY C 302 24.10 -9.11 -3.58
CA GLY C 302 22.90 -9.94 -3.66
C GLY C 302 23.11 -11.34 -3.12
N SER C 303 24.37 -11.79 -3.08
CA SER C 303 24.72 -13.09 -2.54
C SER C 303 24.71 -13.10 -1.01
N LEU C 304 24.62 -11.90 -0.41
CA LEU C 304 24.73 -11.80 1.03
C LEU C 304 23.38 -11.74 1.70
N SER C 305 23.26 -12.39 2.85
CA SER C 305 21.96 -12.49 3.54
C SER C 305 21.39 -11.12 3.86
N GLY C 306 22.25 -10.18 4.22
CA GLY C 306 21.81 -8.85 4.60
C GLY C 306 21.05 -8.11 3.51
N TRP C 307 21.32 -8.46 2.25
CA TRP C 307 20.67 -7.83 1.11
C TRP C 307 19.17 -8.08 1.10
N TRP C 308 18.74 -9.12 1.80
CA TRP C 308 17.35 -9.57 1.73
C TRP C 308 16.62 -9.25 3.03
N ALA C 309 17.16 -8.30 3.78
CA ALA C 309 16.58 -7.93 5.07
C ALA C 309 15.15 -7.43 4.97
N GLY C 310 14.77 -6.92 3.81
CA GLY C 310 13.48 -6.26 3.68
C GLY C 310 12.42 -7.06 2.95
N VAL C 311 12.67 -8.34 2.71
CA VAL C 311 11.73 -9.12 1.90
C VAL C 311 10.34 -9.17 2.54
N ASP C 312 10.29 -9.26 3.86
CA ASP C 312 9.01 -9.38 4.54
C ASP C 312 8.17 -8.13 4.42
N GLU C 313 8.77 -7.00 4.08
CA GLU C 313 7.97 -5.80 3.90
C GLU C 313 7.95 -5.42 2.44
N GLY C 314 8.27 -6.38 1.56
CA GLY C 314 8.09 -6.16 0.14
C GLY C 314 9.33 -5.76 -0.62
N ARG C 315 10.45 -5.64 0.07
CA ARG C 315 11.68 -5.31 -0.64
C ARG C 315 12.34 -6.62 -1.04
N THR C 316 11.84 -7.19 -2.13
CA THR C 316 12.10 -8.57 -2.50
C THR C 316 13.03 -8.74 -3.72
N GLU C 317 13.21 -7.68 -4.50
CA GLU C 317 14.17 -7.67 -5.60
C GLU C 317 15.56 -7.25 -5.10
N SER C 318 15.53 -6.41 -4.08
CA SER C 318 16.71 -5.87 -3.42
C SER C 318 16.22 -5.09 -2.20
N PRO C 319 17.14 -4.59 -1.36
CA PRO C 319 16.68 -3.83 -0.20
C PRO C 319 16.50 -2.35 -0.53
N LEU C 320 16.79 -1.98 -1.77
CA LEU C 320 16.93 -0.58 -2.14
C LEU C 320 15.59 0.13 -2.31
N GLN C 321 15.64 1.45 -2.23
CA GLN C 321 14.49 2.29 -2.49
C GLN C 321 14.92 3.41 -3.44
N SER C 322 14.03 3.82 -4.32
CA SER C 322 14.29 4.97 -5.16
C SER C 322 14.23 6.24 -4.30
N PRO C 323 14.78 7.34 -4.81
CA PRO C 323 14.72 8.62 -4.11
C PRO C 323 13.28 9.01 -3.80
N GLN C 324 12.35 8.74 -4.72
CA GLN C 324 10.94 9.04 -4.52
C GLN C 324 10.36 8.20 -3.40
N GLN C 325 10.73 6.93 -3.34
CA GLN C 325 10.30 6.07 -2.26
C GLN C 325 10.86 6.55 -0.92
N TRP C 326 12.14 6.91 -0.90
CA TRP C 326 12.72 7.47 0.32
C TRP C 326 11.99 8.75 0.72
N ASN C 327 11.66 9.58 -0.27
CA ASN C 327 10.93 10.82 -0.01
C ASN C 327 9.65 10.56 0.79
N SER C 328 8.86 9.58 0.34
CA SER C 328 7.62 9.21 1.03
C SER C 328 7.86 8.64 2.40
N LEU C 329 8.86 7.75 2.52
CA LEU C 329 9.16 7.15 3.81
C LEU C 329 9.55 8.21 4.81
N LEU C 330 10.38 9.15 4.39
CA LEU C 330 10.82 10.23 5.27
C LEU C 330 9.62 11.07 5.75
N LYS C 331 8.75 11.46 4.83
CA LYS C 331 7.58 12.27 5.19
C LYS C 331 6.68 11.54 6.19
N GLN C 332 6.65 10.22 6.12
CA GLN C 332 5.79 9.42 7.00
C GLN C 332 6.44 9.10 8.33
N THR C 333 7.70 9.49 8.50
CA THR C 333 8.38 9.12 9.73
C THR C 333 8.97 10.35 10.44
N GLY C 334 8.38 11.51 10.18
CA GLY C 334 8.74 12.70 10.93
C GLY C 334 9.81 13.57 10.29
N PHE C 335 10.06 13.35 9.01
CA PHE C 335 11.01 14.18 8.29
C PHE C 335 10.30 15.00 7.23
N SER C 336 11.04 15.93 6.64
CA SER C 336 10.52 16.83 5.63
C SER C 336 10.42 16.14 4.29
N GLY C 337 11.05 14.98 4.20
CA GLY C 337 11.20 14.31 2.92
C GLY C 337 12.55 14.66 2.33
N VAL C 338 12.73 14.34 1.06
CA VAL C 338 13.98 14.65 0.40
C VAL C 338 14.03 16.13 0.08
N ASP C 339 14.80 16.87 0.87
CA ASP C 339 14.98 18.30 0.64
C ASP C 339 15.90 18.51 -0.52
N LEU C 340 16.87 17.60 -0.64
CA LEU C 340 17.88 17.74 -1.68
C LEU C 340 18.36 16.37 -2.09
N ALA C 341 18.41 16.15 -3.39
CA ALA C 341 18.96 14.92 -3.96
C ALA C 341 20.12 15.28 -4.87
N ALA C 342 21.29 14.70 -4.60
CA ALA C 342 22.44 14.86 -5.46
C ALA C 342 22.84 13.49 -5.99
N TYR C 343 22.84 13.33 -7.31
CA TYR C 343 23.10 12.03 -7.92
C TYR C 343 24.53 11.87 -8.38
N ASP C 344 25.04 10.64 -8.29
CA ASP C 344 26.43 10.42 -8.64
C ASP C 344 26.68 10.76 -10.11
N LEU C 345 25.74 10.38 -10.96
CA LEU C 345 25.85 10.62 -12.40
C LEU C 345 24.50 10.99 -13.01
N PRO C 346 24.53 11.72 -14.13
CA PRO C 346 23.33 11.90 -14.94
C PRO C 346 23.18 10.71 -15.90
N GLY C 347 21.99 10.53 -16.47
CA GLY C 347 21.84 9.52 -17.50
C GLY C 347 21.61 8.11 -17.01
N PRO C 348 21.68 7.14 -17.93
CA PRO C 348 21.30 5.76 -17.64
C PRO C 348 22.16 5.11 -16.55
N GLU C 349 23.42 5.51 -16.38
CA GLU C 349 24.29 4.83 -15.44
C GLU C 349 24.20 5.38 -14.00
N ARG C 350 23.32 6.36 -13.77
CA ARG C 350 23.12 6.86 -12.41
C ARG C 350 22.67 5.71 -11.50
N HIS C 351 23.22 5.65 -10.30
CA HIS C 351 22.83 4.53 -9.42
C HIS C 351 22.95 4.84 -7.93
N SER C 352 23.50 6.00 -7.56
CA SER C 352 23.60 6.38 -6.15
C SER C 352 23.38 7.86 -5.93
N CYS C 353 23.12 8.23 -4.69
CA CYS C 353 22.79 9.60 -4.37
C CYS C 353 23.04 9.96 -2.92
N LEU C 354 23.12 11.25 -2.69
CA LEU C 354 23.00 11.83 -1.36
C LEU C 354 21.60 12.40 -1.26
N LEU C 355 20.91 12.02 -0.19
CA LEU C 355 19.59 12.57 0.11
C LEU C 355 19.68 13.31 1.43
N LEU C 356 19.31 14.58 1.44
CA LEU C 356 19.27 15.36 2.66
C LEU C 356 17.83 15.59 3.07
N SER C 357 17.53 15.34 4.33
CA SER C 357 16.19 15.52 4.86
C SER C 357 16.28 16.22 6.20
N THR C 358 15.20 16.88 6.58
CA THR C 358 15.16 17.63 7.84
C THR C 358 14.24 16.95 8.83
N ALA C 359 14.72 16.72 10.04
CA ALA C 359 13.89 16.13 11.09
C ALA C 359 12.88 17.17 11.58
N LEU C 360 11.62 16.76 11.67
CA LEU C 360 10.56 17.63 12.14
C LEU C 360 10.05 17.17 13.49
N SER C 361 9.77 18.11 14.38
CA SER C 361 9.14 17.76 15.64
C SER C 361 7.79 17.09 15.37
N ASN C 362 7.53 15.99 16.06
CA ASN C 362 6.24 15.30 15.93
C ASN C 362 5.16 15.99 16.78
N SER C 363 5.59 16.91 17.66
CA SER C 363 4.65 17.68 18.49
C SER C 363 3.93 18.75 17.68
N SAH D . -18.47 19.97 11.90
CA SAH D . -18.31 21.42 11.96
CB SAH D . -16.90 21.79 12.43
CG SAH D . -15.78 21.15 11.63
SD SAH D . -14.14 21.63 12.27
C SAH D . -18.62 22.07 10.61
O SAH D . -18.56 21.43 9.55
OXT SAH D . -18.93 23.25 10.54
C5' SAH D . -13.66 19.97 12.79
C4' SAH D . -14.14 19.61 14.19
O4' SAH D . -13.74 18.28 14.41
C3' SAH D . -13.51 20.45 15.31
O3' SAH D . -14.51 20.96 16.18
C2' SAH D . -12.60 19.50 16.05
O2' SAH D . -12.55 19.72 17.45
C1' SAH D . -13.23 18.15 15.72
N9 SAH D . -12.25 17.07 15.82
C8 SAH D . -10.93 17.08 15.48
N7 SAH D . -10.42 15.87 15.77
C5 SAH D . -11.39 15.11 16.30
C6 SAH D . -11.40 13.81 16.77
N6 SAH D . -10.30 13.06 16.74
N1 SAH D . -12.56 13.28 17.26
C2 SAH D . -13.71 14.03 17.29
N3 SAH D . -13.70 15.32 16.82
C4 SAH D . -12.55 15.84 16.33
H2 SAH D . -14.65 13.59 17.64
HN1 SAH D . -18.23 19.57 12.62
HN2 SAH D . -18.73 19.68 11.14
HA SAH D . -18.95 21.78 12.62
HB1 SAH D . -16.81 21.50 13.48
HB2 SAH D . -16.80 22.87 12.38
HG1 SAH D . -15.86 21.44 10.59
HG2 SAH D . -15.88 20.06 11.68
H5'1 SAH D . -12.58 19.89 12.76
H5'2 SAH D . -14.06 19.24 12.08
H4' SAH D . -15.22 19.70 14.24
H3' SAH D . -12.93 21.25 14.88
HO3' SAH D . -14.40 20.59 17.08
H2' SAH D . -11.61 19.56 15.62
HO2' SAH D . -12.93 18.96 17.92
H1' SAH D . -14.05 17.97 16.41
H8 SAH D . -10.40 17.91 15.00
HN61 SAH D . -9.43 13.46 16.37
HN62 SAH D . -10.31 12.11 17.07
S SO4 E . -18.04 -3.66 15.23
O1 SO4 E . -18.45 -4.02 16.57
O2 SO4 E . -18.67 -2.40 14.80
O3 SO4 E . -18.44 -4.72 14.31
O4 SO4 E . -16.59 -3.48 15.21
S SO4 F . -1.00 36.28 16.90
O1 SO4 F . -1.24 37.21 15.78
O2 SO4 F . -0.93 37.02 18.15
O3 SO4 F . -2.09 35.32 16.96
O4 SO4 F . 0.27 35.56 16.70
N SAH G . -9.98 -28.13 -2.45
CA SAH G . -11.34 -28.53 -2.80
CB SAH G . -12.38 -27.77 -1.99
CG SAH G . -12.35 -26.25 -2.10
SD SAH G . -13.80 -25.41 -1.38
C SAH G . -11.62 -28.32 -4.29
O SAH G . -12.54 -28.95 -4.82
OXT SAH G . -10.97 -27.50 -4.96
C5' SAH G . -12.90 -24.59 -0.05
C4' SAH G . -12.61 -25.49 1.13
O4' SAH G . -11.72 -24.80 1.99
C3' SAH G . -13.86 -25.86 1.93
O3' SAH G . -13.94 -27.27 2.07
C2' SAH G . -13.66 -25.16 3.27
O2' SAH G . -14.15 -25.85 4.39
C1' SAH G . -12.15 -24.99 3.32
N9 SAH G . -11.75 -23.86 4.17
C8 SAH G . -12.37 -22.65 4.26
N7 SAH G . -11.70 -21.90 5.16
C5 SAH G . -10.68 -22.64 5.64
C6 SAH G . -9.68 -22.38 6.57
N6 SAH G . -9.65 -21.22 7.18
N1 SAH G . -8.75 -23.35 6.87
C2 SAH G . -8.79 -24.55 6.25
N3 SAH G . -9.77 -24.82 5.32
C4 SAH G . -10.69 -23.87 5.02
H2 SAH G . -8.00 -25.29 6.42
HN1 SAH G . -9.78 -28.25 -1.61
HN2 SAH G . -9.46 -28.03 -3.12
HA SAH G . -11.44 -29.49 -2.62
HB1 SAH G . -13.37 -28.12 -2.30
HB2 SAH G . -12.26 -28.04 -0.94
HG1 SAH G . -12.26 -25.97 -3.14
HG2 SAH G . -11.44 -25.88 -1.60
H5'1 SAH G . -13.49 -23.73 0.29
H5'2 SAH G . -11.97 -24.19 -0.44
H4' SAH G . -12.14 -26.41 0.76
H3' SAH G . -14.74 -25.46 1.44
HO3' SAH G . -13.86 -27.51 3.03
H2' SAH G . -14.12 -24.18 3.21
HO2' SAH G . -13.41 -26.09 4.98
H1' SAH G . -11.70 -25.91 3.70
H8 SAH G . -13.25 -22.33 3.69
HN61 SAH G . -10.34 -20.51 6.98
HN62 SAH G . -8.92 -21.02 7.87
S SO4 H . 8.64 -20.30 10.13
O1 SO4 H . 9.85 -19.59 9.74
O2 SO4 H . 7.59 -19.35 10.46
O3 SO4 H . 8.20 -21.14 9.02
O4 SO4 H . 8.94 -21.12 11.30
S SO4 I . 0.55 -51.04 -0.88
O1 SO4 I . -0.65 -50.22 -0.81
O2 SO4 I . 1.26 -50.96 0.40
O3 SO4 I . 1.41 -50.55 -1.95
O4 SO4 I . 0.17 -52.43 -1.14
N SAH J . 29.23 3.85 5.66
CA SAH J . 30.28 2.99 5.13
CB SAH J . 30.00 1.52 5.39
CG SAH J . 28.72 0.97 4.77
SD SAH J . 28.63 -0.84 4.80
C SAH J . 30.48 3.26 3.63
O SAH J . 31.55 3.00 3.07
OXT SAH J . 29.57 3.75 2.96
C5' SAH J . 27.20 -0.89 5.91
C4' SAH J . 27.59 -0.71 7.36
O4' SAH J . 26.40 -0.58 8.10
C3' SAH J . 28.35 -1.91 7.91
O3' SAH J . 29.52 -1.48 8.59
C2' SAH J . 27.38 -2.58 8.86
O2' SAH J . 28.03 -3.13 9.99
C1' SAH J . 26.45 -1.42 9.24
N9 SAH J . 25.10 -1.87 9.63
C8 SAH J . 24.34 -2.89 9.10
N7 SAH J . 23.18 -2.96 9.79
C5 SAH J . 23.19 -2.00 10.73
C6 SAH J . 22.26 -1.63 11.70
N6 SAH J . 21.12 -2.26 11.84
N1 SAH J . 22.55 -0.59 12.54
C2 SAH J . 23.74 0.08 12.43
N3 SAH J . 24.66 -0.28 11.48
C4 SAH J . 24.37 -1.31 10.64
H2 SAH J . 23.96 0.91 13.10
HN1 SAH J . 28.73 3.47 6.26
HN2 SAH J . 29.35 4.69 5.51
HA SAH J . 31.13 3.21 5.57
HB1 SAH J . 29.95 1.36 6.46
HB2 SAH J . 30.84 0.93 5.01
HG1 SAH J . 28.65 1.31 3.73
HG2 SAH J . 27.86 1.38 5.30
H5'1 SAH J . 26.70 -1.85 5.78
H5'2 SAH J . 26.51 -0.10 5.62
H4' SAH J . 28.20 0.18 7.46
H3' SAH J . 28.61 -2.60 7.10
HO3' SAH J . 29.44 -1.70 9.55
H2' SAH J . 26.82 -3.34 8.33
HO2' SAH J . 27.75 -2.64 10.80
H1' SAH J . 26.90 -0.88 10.06
H8 SAH J . 24.64 -3.54 8.27
HN61 SAH J . 20.89 -3.03 11.23
HN62 SAH J . 20.46 -1.97 12.55
S SO4 K . 10.44 11.18 18.42
O1 SO4 K . 9.39 12.12 18.07
O2 SO4 K . 10.74 11.30 19.84
O3 SO4 K . 10.00 9.82 18.13
O4 SO4 K . 11.61 11.48 17.60
S SO4 L . 34.92 -20.07 0.76
O1 SO4 L . 34.90 -18.60 0.72
O2 SO4 L . 33.58 -20.63 0.88
O3 SO4 L . 35.69 -20.49 1.93
O4 SO4 L . 35.52 -20.57 -0.47
#